data_7NBM
#
_entry.id   7NBM
#
_cell.length_a   45.301
_cell.length_b   61.973
_cell.length_c   108.197
_cell.angle_alpha   92.48
_cell.angle_beta   98.14
_cell.angle_gamma   111.43
#
_symmetry.space_group_name_H-M   'P 1'
#
loop_
_entity.id
_entity.type
_entity.pdbx_description
1 polymer 'Nicotinamide N-methyltransferase'
2 non-polymer (E)-3-((5,6-dihydro-2H,4H-thiazolo[5,4,3-ij]quinolin-2-ylidene)amino)-2-hydroxy-1-(4-(isoquinolin-5-yl)piperazin-1-yl)-2-methylpropan-1-one
3 water water
#
_entity_poly.entity_id   1
_entity_poly.type   'polypeptide(L)'
_entity_poly.pdbx_seq_one_letter_code
;MGSSHHHHHHSSGLVPRGSMESGFTSKDTYLSHFNPRDYLEKYYKFGSRHSAESQILKHLLKNLFKIFCLDGVKGDLLID
IGSGPTIYQLLSACESFKEIVVTDYSDQNLQELEKWLKAAPAAFDWSPVVTYVCDLEGNRVKGPEKEEKLRQAVKQVLKC
DVTQSQPLGAVPLPPADCVLSTLCLDAACPDLPTYCRALRNLGSLLKPGGFLVIMDALKSSYYMIGEQKFSSLPLGREAV
EAAVKEAGYTIEWFEVISQSYSSTMANNEGLFSLVARKLSRPL
;
_entity_poly.pdbx_strand_id   A,B,C,D
#
loop_
_chem_comp.id
_chem_comp.type
_chem_comp.name
_chem_comp.formula
U7K non-polymer (E)-3-((5,6-dihydro-2H,4H-thiazolo[5,4,3-ij]quinolin-2-ylidene)amino)-2-hydroxy-1-(4-(isoquinolin-5-yl)piperazin-1-yl)-2-methylpropan-1-one 'C27 H29 N5 O2 S'
#
# COMPACT_ATOMS: atom_id res chain seq x y z
N HIS A 9 0.46 10.07 8.91
CA HIS A 9 1.09 10.60 10.11
C HIS A 9 1.55 12.06 9.91
N HIS A 10 0.59 12.93 9.52
CA HIS A 10 0.72 14.37 9.26
C HIS A 10 1.68 14.70 8.06
N SER A 11 3.03 14.62 8.26
CA SER A 11 4.14 14.92 7.32
C SER A 11 3.82 14.72 5.81
N SER A 12 3.57 13.48 5.38
CA SER A 12 3.18 13.08 4.02
C SER A 12 4.15 13.53 2.86
N GLY A 13 5.10 12.67 2.50
CA GLY A 13 6.02 12.93 1.38
C GLY A 13 7.25 13.77 1.69
N LEU A 14 7.08 14.86 2.46
CA LEU A 14 8.17 15.79 2.80
C LEU A 14 9.21 15.19 3.76
N VAL A 15 8.79 14.42 4.76
CA VAL A 15 9.70 13.86 5.75
C VAL A 15 9.15 12.51 6.24
N PRO A 16 9.98 11.47 6.48
CA PRO A 16 9.44 10.17 6.94
C PRO A 16 8.51 10.29 8.14
N ARG A 17 7.55 9.37 8.28
CA ARG A 17 6.58 9.40 9.36
C ARG A 17 7.25 9.31 10.71
N GLY A 18 6.90 10.23 11.61
CA GLY A 18 7.45 10.27 12.96
C GLY A 18 8.82 10.91 13.07
N SER A 19 9.24 11.66 12.04
CA SER A 19 10.54 12.31 11.97
C SER A 19 10.47 13.84 11.77
N MET A 20 9.38 14.49 12.20
CA MET A 20 9.26 15.94 12.01
C MET A 20 9.86 16.73 13.19
N GLU A 21 9.44 16.41 14.43
CA GLU A 21 9.98 17.03 15.62
C GLU A 21 11.43 16.63 15.84
N SER A 22 11.73 15.33 15.64
CA SER A 22 13.05 14.72 15.88
C SER A 22 14.10 14.76 14.75
N GLY A 23 13.68 14.61 13.50
CA GLY A 23 14.63 14.49 12.39
C GLY A 23 14.98 13.04 12.06
N PHE A 24 14.36 12.09 12.75
CA PHE A 24 14.51 10.67 12.57
C PHE A 24 13.28 9.99 13.15
N THR A 25 12.74 9.01 12.43
CA THR A 25 11.55 8.25 12.74
C THR A 25 11.62 7.71 14.14
N SER A 26 10.76 8.23 15.02
CA SER A 26 10.75 7.79 16.39
C SER A 26 10.15 6.40 16.49
N LYS A 27 10.63 5.64 17.50
CA LYS A 27 10.24 4.27 17.83
C LYS A 27 8.73 4.07 17.88
N ASP A 28 7.97 5.08 18.38
CA ASP A 28 6.49 5.04 18.45
C ASP A 28 5.87 4.62 17.11
N THR A 29 6.36 5.20 15.99
CA THR A 29 5.94 4.96 14.59
C THR A 29 6.05 3.48 14.18
N TYR A 30 6.83 2.67 14.93
CA TYR A 30 6.94 1.24 14.67
C TYR A 30 5.85 0.46 15.37
N LEU A 31 5.30 1.01 16.46
CA LEU A 31 4.22 0.38 17.17
C LEU A 31 2.89 0.80 16.51
N SER A 32 2.72 2.09 16.16
CA SER A 32 1.43 2.55 15.63
C SER A 32 1.27 2.50 14.10
N HIS A 33 2.11 3.20 13.31
CA HIS A 33 1.93 3.30 11.85
C HIS A 33 2.72 2.29 11.01
N PHE A 34 2.89 1.08 11.52
CA PHE A 34 3.67 0.07 10.81
C PHE A 34 2.90 -1.22 10.53
N ASN A 35 2.60 -1.56 9.25
CA ASN A 35 1.96 -2.85 8.95
C ASN A 35 2.99 -3.91 8.50
N PRO A 36 3.26 -4.90 9.36
CA PRO A 36 4.27 -5.90 9.02
C PRO A 36 3.96 -6.81 7.83
N ARG A 37 2.68 -7.20 7.62
CA ARG A 37 2.35 -8.06 6.48
C ARG A 37 2.51 -7.27 5.16
N ASP A 38 2.20 -5.97 5.17
CA ASP A 38 2.38 -5.13 3.99
C ASP A 38 3.87 -5.10 3.60
N TYR A 39 4.75 -4.97 4.58
CA TYR A 39 6.21 -4.98 4.42
C TYR A 39 6.70 -6.32 3.83
N LEU A 40 6.28 -7.45 4.42
CA LEU A 40 6.64 -8.79 3.95
C LEU A 40 6.25 -9.04 2.48
N GLU A 41 5.06 -8.59 2.07
CA GLU A 41 4.62 -8.74 0.68
C GLU A 41 5.51 -7.93 -0.28
N LYS A 42 6.09 -6.82 0.18
CA LYS A 42 6.92 -5.95 -0.64
C LYS A 42 8.34 -6.46 -0.81
N TYR A 43 9.06 -6.70 0.30
CA TYR A 43 10.44 -7.13 0.30
C TYR A 43 10.69 -8.64 0.24
N TYR A 44 9.79 -9.44 0.86
CA TYR A 44 10.07 -10.86 0.96
C TYR A 44 9.14 -11.74 0.15
N LYS A 45 8.69 -11.27 -1.02
CA LYS A 45 7.85 -12.07 -1.92
C LYS A 45 8.65 -13.29 -2.42
N PHE A 46 9.83 -13.05 -3.02
CA PHE A 46 10.75 -14.08 -3.46
C PHE A 46 10.13 -15.04 -4.47
N HIS A 50 13.58 -12.08 -10.67
CA HIS A 50 14.86 -12.09 -9.96
C HIS A 50 15.26 -10.64 -9.70
N SER A 51 14.34 -9.86 -9.04
CA SER A 51 14.39 -8.43 -8.65
C SER A 51 15.55 -8.05 -7.67
N ALA A 52 15.61 -6.77 -7.22
CA ALA A 52 16.63 -6.36 -6.27
C ALA A 52 16.42 -7.08 -4.94
N GLU A 53 15.16 -7.18 -4.48
CA GLU A 53 14.77 -7.77 -3.20
C GLU A 53 15.16 -9.19 -3.13
N SER A 54 14.76 -10.01 -4.12
CA SER A 54 15.12 -11.42 -4.20
C SER A 54 16.64 -11.59 -4.21
N GLN A 55 17.39 -10.83 -5.06
CA GLN A 55 18.85 -10.96 -5.13
C GLN A 55 19.53 -10.59 -3.83
N ILE A 56 18.98 -9.60 -3.08
CA ILE A 56 19.51 -9.11 -1.79
C ILE A 56 19.28 -10.19 -0.76
N LEU A 57 18.06 -10.73 -0.68
CA LEU A 57 17.70 -11.81 0.23
C LEU A 57 18.61 -13.03 -0.02
N LYS A 58 18.84 -13.38 -1.30
CA LYS A 58 19.74 -14.47 -1.67
C LYS A 58 21.18 -14.22 -1.20
N HIS A 59 21.63 -12.95 -1.10
CA HIS A 59 22.99 -12.67 -0.64
C HIS A 59 23.11 -12.71 0.87
N LEU A 60 22.09 -12.22 1.58
CA LEU A 60 22.02 -12.28 3.03
C LEU A 60 22.00 -13.77 3.45
N LEU A 61 21.20 -14.58 2.75
CA LEU A 61 21.10 -16.02 2.95
C LEU A 61 22.45 -16.73 2.75
N LYS A 62 23.21 -16.38 1.69
CA LYS A 62 24.53 -16.98 1.40
C LYS A 62 25.54 -16.63 2.47
N ASN A 63 25.48 -15.39 2.98
CA ASN A 63 26.37 -14.93 4.03
C ASN A 63 26.07 -15.69 5.32
N LEU A 64 24.77 -15.90 5.66
CA LEU A 64 24.35 -16.63 6.85
C LEU A 64 24.68 -18.11 6.77
N PHE A 65 24.53 -18.72 5.59
CA PHE A 65 24.92 -20.11 5.40
C PHE A 65 26.44 -20.25 5.57
N LYS A 66 27.23 -19.24 5.18
CA LYS A 66 28.68 -19.30 5.30
C LYS A 66 29.12 -19.04 6.74
N ILE A 67 28.48 -18.07 7.42
CA ILE A 67 28.76 -17.75 8.82
C ILE A 67 28.42 -18.92 9.73
N PHE A 68 27.22 -19.49 9.58
CA PHE A 68 26.75 -20.52 10.50
C PHE A 68 26.99 -21.96 10.06
N CYS A 69 27.04 -22.25 8.76
CA CYS A 69 27.18 -23.63 8.31
C CYS A 69 28.54 -23.96 7.72
N LEU A 70 29.25 -22.97 7.21
CA LEU A 70 30.52 -23.18 6.53
C LEU A 70 31.70 -22.93 7.48
N ASP A 71 31.62 -21.86 8.25
CA ASP A 71 32.65 -21.46 9.20
C ASP A 71 32.26 -21.95 10.65
N GLY A 72 32.87 -21.35 11.67
CA GLY A 72 32.61 -21.68 13.06
C GLY A 72 31.19 -21.37 13.47
N VAL A 73 31.02 -20.35 14.33
CA VAL A 73 29.79 -19.84 14.93
C VAL A 73 28.78 -20.94 15.24
N LYS A 74 29.15 -21.77 16.23
CA LYS A 74 28.39 -22.87 16.82
C LYS A 74 28.20 -22.46 18.31
N GLY A 75 27.10 -22.88 18.93
CA GLY A 75 26.88 -22.56 20.34
C GLY A 75 25.61 -23.08 20.99
N ASP A 76 25.36 -22.65 22.22
CA ASP A 76 24.19 -23.04 22.99
C ASP A 76 22.98 -22.13 22.69
N LEU A 77 23.16 -20.79 22.86
CA LEU A 77 22.08 -19.81 22.71
C LEU A 77 22.44 -18.64 21.81
N LEU A 78 21.60 -18.37 20.80
CA LEU A 78 21.75 -17.24 19.90
C LEU A 78 20.56 -16.31 20.12
N ILE A 79 20.82 -15.07 20.57
CA ILE A 79 19.77 -14.08 20.72
C ILE A 79 19.69 -13.31 19.40
N ASP A 80 18.53 -13.32 18.76
CA ASP A 80 18.34 -12.58 17.52
C ASP A 80 17.61 -11.26 17.80
N ILE A 81 18.34 -10.15 17.77
CA ILE A 81 17.89 -8.78 18.06
C ILE A 81 17.22 -8.03 16.87
N GLY A 82 15.97 -7.64 17.01
CA GLY A 82 15.25 -6.92 15.95
C GLY A 82 14.93 -7.77 14.73
N SER A 83 14.38 -8.97 14.97
CA SER A 83 14.01 -9.93 13.92
C SER A 83 12.91 -9.44 12.96
N GLY A 84 12.19 -8.41 13.34
CA GLY A 84 11.05 -7.91 12.57
C GLY A 84 9.96 -8.96 12.50
N PRO A 85 9.21 -9.03 11.40
CA PRO A 85 8.24 -10.10 11.25
C PRO A 85 8.85 -11.16 10.31
N THR A 86 10.20 -11.42 10.37
CA THR A 86 10.88 -12.33 9.43
C THR A 86 11.70 -13.47 10.02
N ILE A 87 11.85 -14.58 9.28
CA ILE A 87 12.64 -15.72 9.72
C ILE A 87 13.72 -16.14 8.73
N TYR A 88 13.96 -15.38 7.65
CA TYR A 88 14.99 -15.79 6.67
C TYR A 88 16.39 -15.95 7.32
N GLN A 89 16.69 -15.06 8.30
CA GLN A 89 17.96 -14.93 8.98
C GLN A 89 18.29 -16.04 9.97
N LEU A 90 17.30 -16.87 10.33
CA LEU A 90 17.48 -17.95 11.31
C LEU A 90 17.61 -19.36 10.70
N LEU A 91 17.35 -19.50 9.41
CA LEU A 91 17.35 -20.80 8.74
C LEU A 91 18.67 -21.58 8.91
N SER A 92 19.83 -20.92 8.74
CA SER A 92 21.12 -21.59 8.90
C SER A 92 21.53 -21.79 10.35
N ALA A 93 21.23 -20.80 11.22
CA ALA A 93 21.58 -20.86 12.64
C ALA A 93 20.82 -21.93 13.40
N CYS A 94 19.68 -22.44 12.87
CA CYS A 94 18.96 -23.51 13.54
C CYS A 94 19.66 -24.89 13.39
N GLU A 95 20.93 -24.88 12.95
CA GLU A 95 21.77 -26.03 12.76
C GLU A 95 22.99 -25.92 13.69
N SER A 96 23.48 -24.68 13.91
CA SER A 96 24.63 -24.36 14.76
C SER A 96 24.25 -23.97 16.18
N PHE A 97 22.96 -23.77 16.48
CA PHE A 97 22.55 -23.36 17.82
C PHE A 97 21.46 -24.27 18.41
N LYS A 98 21.63 -24.67 19.67
CA LYS A 98 20.67 -25.51 20.37
C LYS A 98 19.36 -24.75 20.66
N GLU A 99 19.44 -23.42 20.88
CA GLU A 99 18.26 -22.59 21.14
C GLU A 99 18.46 -21.22 20.50
N ILE A 100 17.34 -20.56 20.14
CA ILE A 100 17.32 -19.21 19.58
C ILE A 100 16.32 -18.37 20.41
N VAL A 101 16.65 -17.12 20.71
CA VAL A 101 15.71 -16.22 21.41
C VAL A 101 15.48 -15.02 20.48
N VAL A 102 14.32 -14.93 19.78
CA VAL A 102 14.08 -13.81 18.85
C VAL A 102 13.41 -12.63 19.53
N THR A 103 13.73 -11.43 19.09
CA THR A 103 13.21 -10.22 19.72
C THR A 103 12.82 -9.12 18.72
N ASP A 104 12.01 -8.15 19.13
CA ASP A 104 11.69 -6.97 18.33
C ASP A 104 11.05 -5.89 19.16
N TYR A 105 11.09 -4.64 18.68
CA TYR A 105 10.41 -3.56 19.35
C TYR A 105 8.92 -3.67 18.99
N SER A 106 8.54 -3.77 17.70
CA SER A 106 7.13 -3.88 17.32
C SER A 106 6.40 -5.13 17.81
N ASP A 107 5.33 -4.90 18.57
CA ASP A 107 4.42 -5.99 19.00
C ASP A 107 3.74 -6.57 17.78
N GLN A 108 3.45 -5.73 16.75
CA GLN A 108 2.88 -6.13 15.47
C GLN A 108 3.79 -7.19 14.79
N ASN A 109 5.11 -6.97 14.87
CA ASN A 109 6.14 -7.85 14.36
C ASN A 109 6.17 -9.13 15.22
N LEU A 110 6.31 -9.02 16.58
CA LEU A 110 6.31 -10.19 17.49
C LEU A 110 5.10 -11.08 17.23
N GLN A 111 3.96 -10.47 16.89
CA GLN A 111 2.71 -11.15 16.55
C GLN A 111 2.91 -12.00 15.30
N GLU A 112 3.48 -11.43 14.24
CA GLU A 112 3.73 -12.13 12.98
C GLU A 112 4.67 -13.32 13.19
N LEU A 113 5.64 -13.19 14.10
CA LEU A 113 6.58 -14.27 14.46
C LEU A 113 5.84 -15.36 15.22
N GLU A 114 5.08 -14.98 16.27
CA GLU A 114 4.29 -15.92 17.08
C GLU A 114 3.25 -16.67 16.27
N LYS A 115 2.61 -16.01 15.29
CA LYS A 115 1.67 -16.65 14.35
C LYS A 115 2.44 -17.74 13.52
N TRP A 116 3.64 -17.40 13.05
CA TRP A 116 4.50 -18.28 12.28
C TRP A 116 5.01 -19.52 13.08
N LEU A 117 5.41 -19.33 14.36
CA LEU A 117 5.83 -20.44 15.23
C LEU A 117 4.67 -21.45 15.45
N LYS A 118 3.43 -20.96 15.44
CA LYS A 118 2.21 -21.79 15.58
C LYS A 118 1.84 -22.53 14.29
N ALA A 119 2.43 -22.15 13.13
CA ALA A 119 2.12 -22.64 11.78
C ALA A 119 0.67 -22.34 11.44
N ALA A 120 0.20 -21.15 11.88
CA ALA A 120 -1.16 -20.67 11.68
C ALA A 120 -1.36 -20.31 10.21
N PRO A 121 -2.40 -20.81 9.54
CA PRO A 121 -2.59 -20.47 8.12
C PRO A 121 -2.52 -18.97 7.80
N ALA A 122 -2.88 -18.11 8.75
CA ALA A 122 -2.86 -16.66 8.56
C ALA A 122 -1.45 -16.03 8.64
N ALA A 123 -0.42 -16.85 8.82
CA ALA A 123 0.95 -16.37 8.85
C ALA A 123 1.54 -16.41 7.45
N PHE A 124 2.50 -15.51 7.20
CA PHE A 124 3.22 -15.37 5.93
C PHE A 124 3.82 -16.69 5.49
N ASP A 125 3.90 -16.89 4.17
CA ASP A 125 4.49 -18.11 3.65
C ASP A 125 6.00 -17.96 3.45
N TRP A 126 6.79 -18.74 4.18
CA TRP A 126 8.25 -18.71 4.02
C TRP A 126 8.78 -19.87 3.14
N SER A 127 7.90 -20.62 2.46
CA SER A 127 8.24 -21.74 1.58
C SER A 127 9.27 -21.41 0.51
N PRO A 128 9.13 -20.32 -0.29
CA PRO A 128 10.15 -20.07 -1.34
C PRO A 128 11.54 -19.84 -0.75
N VAL A 129 11.60 -19.07 0.35
CA VAL A 129 12.84 -18.81 1.07
C VAL A 129 13.42 -20.10 1.68
N VAL A 130 12.63 -20.86 2.46
CA VAL A 130 13.08 -22.07 3.13
C VAL A 130 13.65 -23.08 2.13
N THR A 131 12.94 -23.29 1.03
CA THR A 131 13.42 -24.17 -0.05
C THR A 131 14.76 -23.62 -0.61
N TYR A 132 14.89 -22.30 -0.81
CA TYR A 132 16.15 -21.73 -1.30
C TYR A 132 17.35 -22.05 -0.42
N VAL A 133 17.24 -21.82 0.90
CA VAL A 133 18.31 -22.13 1.85
C VAL A 133 18.62 -23.63 1.84
N CYS A 134 17.59 -24.48 1.69
CA CYS A 134 17.76 -25.94 1.63
C CYS A 134 18.68 -26.32 0.48
N ASP A 135 18.56 -25.62 -0.65
CA ASP A 135 19.38 -25.85 -1.84
C ASP A 135 20.84 -25.49 -1.61
N LEU A 136 21.13 -24.41 -0.85
CA LEU A 136 22.49 -24.00 -0.49
C LEU A 136 23.13 -25.06 0.42
N GLU A 137 22.36 -25.61 1.36
CA GLU A 137 22.85 -26.62 2.30
C GLU A 137 23.05 -28.03 1.73
N GLY A 138 22.83 -28.19 0.42
CA GLY A 138 22.93 -29.47 -0.27
C GLY A 138 21.65 -30.27 -0.32
N ASN A 139 20.63 -29.83 0.42
CA ASN A 139 19.37 -30.51 0.54
C ASN A 139 19.48 -31.81 1.34
N ARG A 140 20.09 -31.74 2.55
CA ARG A 140 20.14 -32.88 3.48
C ARG A 140 18.67 -33.20 3.91
N VAL A 141 17.84 -32.13 4.07
CA VAL A 141 16.42 -32.17 4.43
C VAL A 141 15.63 -31.29 3.42
N LYS A 142 14.27 -31.35 3.48
CA LYS A 142 13.41 -30.51 2.64
C LYS A 142 12.72 -29.40 3.52
N GLY A 143 11.95 -28.53 2.87
CA GLY A 143 11.23 -27.44 3.52
C GLY A 143 10.46 -27.81 4.78
N PRO A 144 9.51 -28.77 4.71
CA PRO A 144 8.74 -29.15 5.90
C PRO A 144 9.57 -29.69 7.07
N GLU A 145 10.79 -30.13 6.81
CA GLU A 145 11.68 -30.65 7.82
C GLU A 145 12.53 -29.53 8.40
N LYS A 146 12.99 -28.60 7.54
CA LYS A 146 13.82 -27.44 7.88
C LYS A 146 13.05 -26.43 8.76
N GLU A 147 11.78 -26.19 8.44
CA GLU A 147 10.93 -25.27 9.21
C GLU A 147 10.61 -25.82 10.59
N GLU A 148 10.53 -27.15 10.74
CA GLU A 148 10.26 -27.77 12.04
C GLU A 148 11.51 -27.66 12.94
N LYS A 149 12.72 -27.70 12.37
CA LYS A 149 13.94 -27.60 13.14
C LYS A 149 14.08 -26.21 13.77
N LEU A 150 13.67 -25.19 13.01
CA LEU A 150 13.76 -23.80 13.37
C LEU A 150 12.70 -23.42 14.38
N ARG A 151 11.49 -23.95 14.20
CA ARG A 151 10.41 -23.67 15.12
C ARG A 151 10.72 -24.29 16.48
N GLN A 152 11.23 -25.52 16.51
CA GLN A 152 11.57 -26.17 17.76
C GLN A 152 12.68 -25.43 18.51
N ALA A 153 13.62 -24.81 17.76
CA ALA A 153 14.74 -24.03 18.23
C ALA A 153 14.32 -22.69 18.84
N VAL A 154 13.22 -22.08 18.38
CA VAL A 154 12.79 -20.80 18.97
C VAL A 154 12.23 -21.04 20.33
N LYS A 155 12.96 -20.62 21.35
CA LYS A 155 12.56 -20.86 22.72
C LYS A 155 11.78 -19.71 23.32
N GLN A 156 12.00 -18.48 22.88
CA GLN A 156 11.30 -17.31 23.39
C GLN A 156 11.14 -16.27 22.29
N VAL A 157 10.10 -15.45 22.38
CA VAL A 157 9.90 -14.33 21.48
C VAL A 157 9.72 -13.15 22.45
N LEU A 158 10.74 -12.28 22.56
CA LEU A 158 10.72 -11.20 23.57
C LEU A 158 10.72 -9.79 23.05
N LYS A 159 10.27 -8.80 23.85
CA LYS A 159 10.33 -7.40 23.42
C LYS A 159 11.76 -6.85 23.59
N CYS A 160 12.16 -6.07 22.61
CA CYS A 160 13.49 -5.51 22.44
C CYS A 160 13.48 -3.98 22.47
N ASP A 161 14.68 -3.38 22.55
CA ASP A 161 14.96 -1.96 22.50
C ASP A 161 16.46 -1.79 22.55
N VAL A 162 17.14 -1.88 21.39
CA VAL A 162 18.60 -1.72 21.35
C VAL A 162 19.06 -0.40 21.96
N THR A 163 18.16 0.63 21.97
CA THR A 163 18.36 1.97 22.52
C THR A 163 17.99 2.02 24.02
N GLN A 164 18.24 0.92 24.75
CA GLN A 164 18.00 0.81 26.20
C GLN A 164 19.13 0.08 26.83
N SER A 165 19.66 0.59 27.96
CA SER A 165 20.79 0.02 28.71
C SER A 165 20.67 -1.49 28.90
N GLN A 166 19.47 -1.96 29.22
CA GLN A 166 19.13 -3.36 29.39
C GLN A 166 18.27 -3.69 28.18
N PRO A 167 18.86 -4.08 27.02
CA PRO A 167 18.06 -4.33 25.81
C PRO A 167 16.88 -5.31 25.95
N LEU A 168 16.87 -6.12 27.01
CA LEU A 168 15.78 -7.06 27.23
C LEU A 168 14.99 -6.83 28.54
N GLY A 169 15.32 -5.79 29.28
CA GLY A 169 14.63 -5.48 30.52
C GLY A 169 14.82 -6.52 31.60
N ALA A 170 13.76 -6.84 32.33
CA ALA A 170 13.83 -7.82 33.40
C ALA A 170 14.01 -9.30 33.00
N VAL A 171 14.00 -9.65 31.70
CA VAL A 171 14.11 -11.06 31.30
C VAL A 171 15.46 -11.73 31.63
N PRO A 172 15.43 -12.73 32.53
CA PRO A 172 16.69 -13.44 32.84
C PRO A 172 17.04 -14.36 31.70
N LEU A 173 18.05 -13.98 30.95
CA LEU A 173 18.53 -14.77 29.84
C LEU A 173 19.99 -15.08 30.11
N PRO A 174 20.43 -16.31 29.81
CA PRO A 174 21.85 -16.64 30.03
C PRO A 174 22.76 -15.97 28.99
N PRO A 175 24.04 -15.73 29.29
CA PRO A 175 24.94 -15.12 28.28
C PRO A 175 24.90 -15.86 26.95
N ALA A 176 24.92 -15.14 25.85
CA ALA A 176 24.75 -15.73 24.54
C ALA A 176 26.06 -16.00 23.84
N ASP A 177 26.07 -17.03 22.97
CA ASP A 177 27.29 -17.33 22.21
C ASP A 177 27.38 -16.44 20.97
N CYS A 178 26.22 -16.13 20.37
CA CYS A 178 26.11 -15.26 19.20
C CYS A 178 24.99 -14.28 19.43
N VAL A 179 25.13 -13.10 18.87
CA VAL A 179 24.06 -12.09 18.89
C VAL A 179 23.94 -11.70 17.43
N LEU A 180 22.80 -11.96 16.82
CA LEU A 180 22.58 -11.63 15.42
C LEU A 180 21.63 -10.43 15.26
N SER A 181 21.91 -9.54 14.31
CA SER A 181 21.03 -8.40 14.02
C SER A 181 21.07 -8.06 12.55
N THR A 182 19.98 -8.32 11.82
CA THR A 182 19.92 -8.03 10.37
C THR A 182 18.84 -7.01 10.07
N LEU A 183 19.20 -5.97 9.34
CA LEU A 183 18.36 -4.84 8.92
C LEU A 183 17.62 -4.25 10.10
N CYS A 184 18.37 -3.82 11.12
CA CYS A 184 17.73 -3.36 12.35
C CYS A 184 18.18 -1.95 12.82
N LEU A 185 19.51 -1.80 13.15
CA LEU A 185 20.14 -0.62 13.73
C LEU A 185 20.08 0.67 12.89
N ASP A 186 19.95 0.52 11.59
CA ASP A 186 19.81 1.65 10.69
C ASP A 186 18.47 2.35 10.93
N ALA A 187 17.42 1.59 11.26
CA ALA A 187 16.09 2.11 11.56
C ALA A 187 15.97 2.45 13.04
N ALA A 188 16.57 1.62 13.92
CA ALA A 188 16.54 1.77 15.37
C ALA A 188 17.32 2.96 15.93
N CYS A 189 18.54 3.24 15.42
CA CYS A 189 19.40 4.32 15.96
C CYS A 189 19.34 5.58 15.11
N PRO A 190 19.23 6.77 15.72
CA PRO A 190 19.11 7.99 14.92
C PRO A 190 20.42 8.72 14.58
N ASP A 191 21.54 8.31 15.21
CA ASP A 191 22.87 8.90 15.04
C ASP A 191 23.97 7.93 15.52
N LEU A 192 25.23 8.16 15.10
CA LEU A 192 26.36 7.30 15.49
C LEU A 192 26.47 7.08 17.01
N PRO A 193 26.35 8.11 17.89
CA PRO A 193 26.39 7.83 19.34
C PRO A 193 25.43 6.72 19.78
N THR A 194 24.21 6.66 19.21
CA THR A 194 23.20 5.63 19.51
C THR A 194 23.57 4.30 18.83
N TYR A 195 24.11 4.33 17.61
CA TYR A 195 24.51 3.12 16.89
C TYR A 195 25.62 2.43 17.68
N CYS A 196 26.58 3.23 18.19
CA CYS A 196 27.71 2.79 18.98
C CYS A 196 27.26 2.31 20.33
N ARG A 197 26.35 3.05 20.98
CA ARG A 197 25.80 2.67 22.26
C ARG A 197 24.99 1.39 22.11
N ALA A 198 24.11 1.30 21.11
CA ALA A 198 23.31 0.09 20.86
C ALA A 198 24.15 -1.15 20.65
N LEU A 199 25.40 -1.01 20.18
CA LEU A 199 26.31 -2.13 20.03
C LEU A 199 26.90 -2.51 21.38
N ARG A 200 27.12 -1.55 22.28
CA ARG A 200 27.58 -1.84 23.64
C ARG A 200 26.47 -2.65 24.37
N ASN A 201 25.19 -2.26 24.15
CA ASN A 201 23.99 -2.92 24.68
C ASN A 201 23.88 -4.36 24.20
N LEU A 202 24.28 -4.66 22.96
CA LEU A 202 24.26 -6.03 22.45
C LEU A 202 25.34 -6.89 23.13
N GLY A 203 26.46 -6.27 23.47
CA GLY A 203 27.57 -6.89 24.18
C GLY A 203 27.18 -7.32 25.57
N SER A 204 26.29 -6.56 26.25
CA SER A 204 25.82 -6.95 27.58
C SER A 204 25.09 -8.29 27.57
N LEU A 205 24.50 -8.68 26.42
CA LEU A 205 23.81 -9.96 26.23
C LEU A 205 24.78 -11.10 25.82
N LEU A 206 25.99 -10.76 25.33
CA LEU A 206 27.03 -11.64 24.79
C LEU A 206 28.09 -12.11 25.78
N LYS A 207 28.64 -13.30 25.52
CA LYS A 207 29.73 -13.91 26.26
C LYS A 207 31.05 -13.27 25.80
N PRO A 208 32.12 -13.29 26.61
CA PRO A 208 33.44 -12.85 26.10
C PRO A 208 33.90 -13.77 24.97
N GLY A 209 34.53 -13.19 23.97
CA GLY A 209 34.95 -13.90 22.76
C GLY A 209 33.76 -14.48 22.00
N GLY A 210 32.60 -13.80 22.10
CA GLY A 210 31.35 -14.20 21.50
C GLY A 210 31.02 -13.40 20.26
N PHE A 211 30.43 -14.06 19.29
CA PHE A 211 30.16 -13.48 17.99
C PHE A 211 29.04 -12.50 17.90
N LEU A 212 29.30 -11.44 17.14
CA LEU A 212 28.35 -10.40 16.74
C LEU A 212 28.21 -10.57 15.19
N VAL A 213 26.97 -10.70 14.70
CA VAL A 213 26.76 -10.85 13.26
C VAL A 213 25.79 -9.76 12.87
N ILE A 214 26.25 -8.78 12.09
CA ILE A 214 25.44 -7.64 11.71
C ILE A 214 25.37 -7.49 10.20
N MET A 215 24.16 -7.41 9.68
CA MET A 215 23.90 -7.18 8.26
C MET A 215 22.92 -5.99 8.17
N ASP A 216 23.17 -5.05 7.28
CA ASP A 216 22.30 -3.86 7.14
C ASP A 216 22.67 -3.07 5.90
N ALA A 217 21.82 -2.13 5.49
CA ALA A 217 22.09 -1.33 4.30
C ALA A 217 23.16 -0.29 4.55
N LEU A 218 23.89 0.08 3.47
CA LEU A 218 24.93 1.10 3.47
C LEU A 218 24.43 2.34 2.77
N LYS A 219 24.73 3.52 3.36
CA LYS A 219 24.42 4.85 2.83
C LYS A 219 22.95 5.09 2.49
N SER A 220 22.05 4.52 3.29
CA SER A 220 20.61 4.65 3.11
C SER A 220 20.08 5.65 4.11
N SER A 221 19.39 6.71 3.66
CA SER A 221 18.77 7.70 4.58
C SER A 221 17.28 7.47 4.79
N TYR A 222 16.67 6.58 4.00
CA TYR A 222 15.25 6.25 4.07
C TYR A 222 15.01 4.88 3.40
N TYR A 223 13.82 4.31 3.67
CA TYR A 223 13.34 3.08 3.08
C TYR A 223 11.83 3.14 3.11
N MET A 224 11.20 2.64 2.04
CA MET A 224 9.76 2.72 1.94
C MET A 224 9.06 1.41 2.08
N ILE A 225 7.89 1.47 2.69
CA ILE A 225 6.97 0.36 2.82
C ILE A 225 5.70 0.94 2.18
N GLY A 226 5.68 0.87 0.84
CA GLY A 226 4.61 1.42 0.04
C GLY A 226 4.87 2.89 -0.14
N GLU A 227 3.91 3.71 0.23
CA GLU A 227 4.05 5.17 0.19
C GLU A 227 4.39 5.75 1.60
N GLN A 228 4.47 4.89 2.60
CA GLN A 228 4.80 5.26 3.96
C GLN A 228 6.33 5.25 4.03
N LYS A 229 6.95 6.36 4.49
CA LYS A 229 8.42 6.44 4.51
C LYS A 229 8.97 6.33 5.91
N PHE A 230 10.16 5.76 6.03
CA PHE A 230 10.78 5.51 7.32
C PHE A 230 12.24 5.96 7.32
N SER A 231 12.72 6.46 8.47
CA SER A 231 14.09 6.93 8.57
C SER A 231 15.10 5.80 8.70
N SER A 232 16.33 6.07 8.26
CA SER A 232 17.49 5.19 8.22
C SER A 232 18.75 6.04 8.45
N LEU A 233 19.80 5.44 9.03
CA LEU A 233 21.06 6.16 9.28
C LEU A 233 22.03 5.99 8.11
N PRO A 234 22.25 7.04 7.28
CA PRO A 234 23.14 6.88 6.11
C PRO A 234 24.62 6.73 6.46
N LEU A 235 25.09 5.50 6.73
CA LEU A 235 26.50 5.30 7.06
C LEU A 235 27.25 4.36 6.10
N GLY A 236 28.54 4.62 5.94
CA GLY A 236 29.39 3.82 5.09
C GLY A 236 30.20 2.80 5.86
N ARG A 237 31.07 2.10 5.15
CA ARG A 237 31.96 1.07 5.65
C ARG A 237 32.86 1.59 6.76
N GLU A 238 33.44 2.76 6.54
CA GLU A 238 34.37 3.36 7.50
C GLU A 238 33.65 3.67 8.80
N ALA A 239 32.45 4.26 8.69
CA ALA A 239 31.59 4.60 9.81
C ALA A 239 31.18 3.41 10.68
N VAL A 240 30.76 2.28 10.08
CA VAL A 240 30.35 1.09 10.84
C VAL A 240 31.55 0.33 11.40
N GLU A 241 32.68 0.28 10.66
CA GLU A 241 33.93 -0.38 11.07
C GLU A 241 34.39 0.23 12.40
N ALA A 242 34.37 1.58 12.47
CA ALA A 242 34.74 2.39 13.63
C ALA A 242 33.77 2.27 14.80
N ALA A 243 32.45 2.24 14.50
CA ALA A 243 31.39 2.10 15.50
C ALA A 243 31.49 0.75 16.19
N VAL A 244 31.81 -0.31 15.44
CA VAL A 244 31.96 -1.66 15.98
C VAL A 244 33.18 -1.79 16.90
N LYS A 245 34.37 -1.43 16.42
CA LYS A 245 35.59 -1.54 17.21
C LYS A 245 35.55 -0.75 18.52
N GLU A 246 35.01 0.49 18.48
CA GLU A 246 34.88 1.33 19.69
C GLU A 246 33.87 0.81 20.71
N ALA A 247 32.97 -0.08 20.27
CA ALA A 247 31.98 -0.65 21.16
C ALA A 247 32.48 -1.93 21.93
N GLY A 248 33.73 -2.32 21.73
CA GLY A 248 34.30 -3.47 22.41
C GLY A 248 34.43 -4.74 21.58
N TYR A 249 34.58 -4.61 20.26
CA TYR A 249 34.62 -5.80 19.39
C TYR A 249 35.77 -5.83 18.46
N THR A 250 36.26 -7.04 18.24
CA THR A 250 37.32 -7.27 17.29
C THR A 250 36.63 -7.79 16.03
N ILE A 251 36.93 -7.20 14.87
CA ILE A 251 36.25 -7.58 13.63
C ILE A 251 36.92 -8.79 12.95
N GLU A 252 36.17 -9.87 12.75
CA GLU A 252 36.69 -11.08 12.10
C GLU A 252 36.76 -10.90 10.58
N TRP A 253 35.70 -10.37 9.99
CA TRP A 253 35.64 -10.07 8.57
C TRP A 253 34.50 -9.14 8.24
N PHE A 254 34.68 -8.36 7.19
CA PHE A 254 33.70 -7.37 6.79
C PHE A 254 33.47 -7.43 5.29
N GLU A 255 32.26 -7.77 4.91
CA GLU A 255 31.87 -7.88 3.51
C GLU A 255 30.99 -6.74 3.15
N VAL A 256 31.16 -6.26 1.95
CA VAL A 256 30.39 -5.15 1.43
C VAL A 256 29.94 -5.52 0.03
N ILE A 257 28.65 -5.39 -0.27
CA ILE A 257 28.09 -5.66 -1.59
C ILE A 257 27.51 -4.41 -2.21
N SER A 258 27.54 -4.37 -3.53
CA SER A 258 27.05 -3.22 -4.26
C SER A 258 25.56 -3.27 -4.54
N GLN A 259 24.92 -4.45 -4.45
CA GLN A 259 23.49 -4.56 -4.73
C GLN A 259 22.64 -3.61 -3.87
N SER A 260 21.75 -2.86 -4.53
CA SER A 260 20.86 -1.92 -3.85
C SER A 260 19.40 -2.27 -4.07
N TYR A 261 18.52 -1.82 -3.15
CA TYR A 261 17.07 -1.94 -3.26
C TYR A 261 16.61 -1.06 -4.42
N SER A 262 15.53 -1.47 -5.08
CA SER A 262 14.99 -0.73 -6.23
C SER A 262 14.69 0.75 -5.92
N SER A 263 14.72 1.59 -6.96
CA SER A 263 14.43 3.04 -6.92
C SER A 263 13.49 3.51 -5.77
N THR A 264 12.27 2.93 -5.78
CA THR A 264 11.12 3.17 -4.95
C THR A 264 11.23 2.64 -3.51
N MET A 265 12.10 1.66 -3.29
CA MET A 265 12.18 1.01 -2.00
C MET A 265 13.22 1.59 -1.02
N ALA A 266 14.38 2.13 -1.47
CA ALA A 266 15.40 2.73 -0.56
C ALA A 266 16.54 3.38 -1.34
N ASN A 267 17.29 4.31 -0.71
CA ASN A 267 18.43 4.93 -1.40
C ASN A 267 19.75 4.38 -0.93
N ASN A 268 19.80 3.10 -0.55
CA ASN A 268 21.04 2.48 -0.12
C ASN A 268 22.00 2.34 -1.28
N GLU A 269 23.28 2.57 -1.02
CA GLU A 269 24.34 2.39 -2.02
C GLU A 269 24.89 0.92 -2.05
N GLY A 270 24.38 0.07 -1.17
CA GLY A 270 24.76 -1.32 -1.03
C GLY A 270 24.38 -1.89 0.32
N LEU A 271 25.04 -2.98 0.73
CA LEU A 271 24.75 -3.61 2.03
C LEU A 271 26.02 -4.15 2.66
N PHE A 272 26.09 -4.15 4.00
CA PHE A 272 27.25 -4.72 4.69
C PHE A 272 26.87 -5.96 5.47
N SER A 273 27.82 -6.84 5.61
CA SER A 273 27.69 -8.09 6.33
C SER A 273 28.99 -8.15 7.13
N LEU A 274 28.95 -8.35 8.44
CA LEU A 274 30.18 -8.45 9.22
C LEU A 274 30.05 -9.39 10.40
N VAL A 275 31.16 -10.01 10.77
CA VAL A 275 31.24 -10.88 11.93
C VAL A 275 32.28 -10.26 12.87
N ALA A 276 31.97 -10.16 14.14
CA ALA A 276 32.88 -9.60 15.15
C ALA A 276 32.98 -10.57 16.38
N ARG A 277 33.72 -10.22 17.45
CA ARG A 277 33.87 -11.05 18.65
C ARG A 277 34.05 -10.11 19.83
N LYS A 278 33.26 -10.27 20.89
CA LYS A 278 33.32 -9.41 22.08
C LYS A 278 34.65 -9.50 22.74
N LEU A 279 35.53 -8.49 22.55
CA LEU A 279 36.86 -8.50 23.14
C LEU A 279 37.15 -7.29 24.05
N LEU B 14 -11.86 -11.37 -20.68
CA LEU B 14 -12.82 -12.45 -20.46
C LEU B 14 -13.29 -12.40 -19.01
N VAL B 15 -12.33 -12.27 -18.08
CA VAL B 15 -12.56 -12.14 -16.65
C VAL B 15 -11.72 -10.96 -16.17
N PRO B 16 -12.27 -10.09 -15.33
CA PRO B 16 -11.49 -8.93 -14.85
C PRO B 16 -10.16 -9.29 -14.22
N ARG B 17 -9.22 -8.33 -14.19
CA ARG B 17 -7.87 -8.47 -13.65
C ARG B 17 -7.76 -9.10 -12.23
N GLY B 18 -6.95 -10.15 -12.10
CA GLY B 18 -6.71 -10.81 -10.82
C GLY B 18 -7.87 -11.59 -10.23
N SER B 19 -8.77 -12.12 -11.09
CA SER B 19 -9.96 -12.88 -10.70
C SER B 19 -10.01 -14.30 -11.30
N MET B 20 -9.04 -14.69 -12.13
CA MET B 20 -9.08 -16.01 -12.78
C MET B 20 -9.24 -17.16 -11.79
N GLU B 21 -8.66 -17.02 -10.61
CA GLU B 21 -8.72 -18.04 -9.57
C GLU B 21 -9.99 -17.97 -8.68
N SER B 22 -10.34 -16.80 -8.15
CA SER B 22 -11.45 -16.65 -7.22
C SER B 22 -12.83 -16.30 -7.81
N GLY B 23 -12.84 -15.51 -8.87
CA GLY B 23 -14.09 -15.00 -9.42
C GLY B 23 -14.27 -13.51 -9.15
N PHE B 24 -13.38 -12.92 -8.35
CA PHE B 24 -13.38 -11.50 -8.05
C PHE B 24 -11.92 -11.05 -7.99
N THR B 25 -11.65 -9.80 -8.44
CA THR B 25 -10.34 -9.16 -8.49
C THR B 25 -9.73 -9.19 -7.10
N SER B 26 -8.55 -9.80 -6.96
CA SER B 26 -7.88 -9.86 -5.67
C SER B 26 -7.45 -8.45 -5.28
N LYS B 27 -7.52 -8.11 -3.99
CA LYS B 27 -7.21 -6.75 -3.55
C LYS B 27 -5.78 -6.30 -3.91
N ASP B 28 -4.80 -7.23 -3.96
CA ASP B 28 -3.44 -6.89 -4.37
C ASP B 28 -3.31 -6.48 -5.85
N THR B 29 -4.40 -6.57 -6.65
CA THR B 29 -4.35 -6.06 -8.03
C THR B 29 -4.39 -4.53 -8.01
N TYR B 30 -4.90 -3.90 -6.92
CA TYR B 30 -4.89 -2.46 -6.66
C TYR B 30 -3.53 -1.97 -6.12
N LEU B 31 -2.54 -2.85 -6.12
CA LEU B 31 -1.18 -2.57 -5.74
C LEU B 31 -0.30 -2.85 -6.95
N SER B 32 -0.60 -3.90 -7.73
CA SER B 32 0.17 -4.28 -8.89
C SER B 32 -0.27 -3.59 -10.17
N HIS B 33 -1.54 -3.75 -10.59
CA HIS B 33 -2.01 -3.20 -11.88
C HIS B 33 -2.94 -1.99 -11.79
N PHE B 34 -2.84 -1.19 -10.72
CA PHE B 34 -3.75 -0.06 -10.57
C PHE B 34 -3.05 1.31 -10.72
N ASN B 35 -3.43 2.08 -11.76
CA ASN B 35 -2.84 3.39 -12.02
C ASN B 35 -3.77 4.54 -11.72
N PRO B 36 -3.66 5.14 -10.54
CA PRO B 36 -4.54 6.26 -10.18
C PRO B 36 -4.75 7.35 -11.23
N ARG B 37 -3.70 7.84 -11.92
CA ARG B 37 -3.88 8.91 -12.92
C ARG B 37 -4.61 8.44 -14.16
N ASP B 38 -4.38 7.19 -14.59
CA ASP B 38 -5.07 6.58 -15.73
C ASP B 38 -6.59 6.60 -15.47
N TYR B 39 -7.00 6.33 -14.21
CA TYR B 39 -8.38 6.35 -13.72
C TYR B 39 -8.88 7.80 -13.59
N LEU B 40 -8.05 8.68 -13.02
CA LEU B 40 -8.39 10.08 -12.77
C LEU B 40 -8.70 10.85 -14.03
N GLU B 41 -7.88 10.65 -15.05
CA GLU B 41 -8.09 11.27 -16.34
C GLU B 41 -9.38 10.70 -16.98
N LYS B 42 -9.63 9.38 -16.81
CA LYS B 42 -10.80 8.67 -17.36
C LYS B 42 -12.15 9.10 -16.78
N TYR B 43 -12.26 9.22 -15.44
CA TYR B 43 -13.56 9.50 -14.82
C TYR B 43 -13.71 10.88 -14.26
N TYR B 44 -12.60 11.56 -13.97
CA TYR B 44 -12.69 12.86 -13.32
C TYR B 44 -12.14 14.03 -14.17
N LYS B 45 -12.61 14.11 -15.40
CA LYS B 45 -12.25 15.17 -16.33
C LYS B 45 -13.18 16.39 -16.20
N PHE B 46 -14.45 16.16 -15.80
CA PHE B 46 -15.48 17.21 -15.62
C PHE B 46 -15.81 17.95 -16.89
N SER B 48 -16.26 14.36 -19.62
CA SER B 48 -16.29 15.66 -20.28
C SER B 48 -17.55 16.51 -19.89
N ARG B 49 -17.89 17.58 -20.63
CA ARG B 49 -19.05 18.41 -20.30
C ARG B 49 -20.31 17.57 -20.46
N HIS B 50 -21.15 17.53 -19.40
CA HIS B 50 -22.41 16.76 -19.37
C HIS B 50 -22.29 15.27 -19.76
N SER B 51 -21.10 14.65 -19.60
CA SER B 51 -20.97 13.21 -19.89
C SER B 51 -21.60 12.42 -18.75
N ALA B 52 -21.99 11.15 -18.97
CA ALA B 52 -22.62 10.31 -17.94
C ALA B 52 -21.85 10.31 -16.62
N GLU B 53 -20.52 10.49 -16.71
CA GLU B 53 -19.55 10.51 -15.62
C GLU B 53 -19.62 11.83 -14.86
N SER B 54 -19.76 12.94 -15.61
CA SER B 54 -19.93 14.29 -15.06
C SER B 54 -21.27 14.44 -14.39
N GLN B 55 -22.30 13.69 -14.88
CA GLN B 55 -23.65 13.66 -14.33
C GLN B 55 -23.60 12.94 -13.00
N ILE B 56 -22.93 11.78 -12.93
CA ILE B 56 -22.74 11.01 -11.72
C ILE B 56 -22.02 11.85 -10.66
N LEU B 57 -20.86 12.46 -10.99
CA LEU B 57 -20.08 13.28 -10.07
C LEU B 57 -20.94 14.42 -9.52
N LYS B 58 -21.69 15.12 -10.39
CA LYS B 58 -22.60 16.20 -9.97
C LYS B 58 -23.66 15.75 -8.97
N HIS B 59 -24.29 14.58 -9.17
CA HIS B 59 -25.31 14.08 -8.23
C HIS B 59 -24.69 13.68 -6.91
N LEU B 60 -23.51 13.03 -6.94
CA LEU B 60 -22.83 12.66 -5.69
C LEU B 60 -22.46 13.93 -4.91
N LEU B 61 -21.83 14.92 -5.58
CA LEU B 61 -21.49 16.23 -4.99
C LEU B 61 -22.73 16.99 -4.43
N LYS B 62 -23.87 16.97 -5.16
CA LYS B 62 -25.10 17.62 -4.69
C LYS B 62 -25.62 16.87 -3.45
N ASN B 63 -25.57 15.54 -3.45
CA ASN B 63 -26.02 14.72 -2.33
C ASN B 63 -25.12 14.91 -1.11
N LEU B 64 -23.82 15.16 -1.33
CA LEU B 64 -22.83 15.40 -0.30
C LEU B 64 -22.97 16.79 0.32
N PHE B 65 -23.46 17.76 -0.46
CA PHE B 65 -23.80 19.10 -0.01
C PHE B 65 -24.98 18.96 0.92
N LYS B 66 -26.02 18.21 0.50
CA LYS B 66 -27.22 17.92 1.27
C LYS B 66 -26.84 17.24 2.58
N ILE B 67 -26.06 16.16 2.54
CA ILE B 67 -25.66 15.45 3.75
C ILE B 67 -24.89 16.30 4.76
N PHE B 68 -23.86 17.03 4.33
CA PHE B 68 -23.02 17.81 5.24
C PHE B 68 -23.34 19.29 5.49
N CYS B 69 -24.23 19.93 4.71
CA CYS B 69 -24.50 21.36 4.89
C CYS B 69 -25.97 21.65 5.21
N LEU B 70 -26.88 20.94 4.54
CA LEU B 70 -28.31 21.15 4.73
C LEU B 70 -28.80 20.25 5.89
N ASP B 71 -28.48 18.94 5.81
CA ASP B 71 -28.75 17.95 6.86
C ASP B 71 -27.71 18.16 7.97
N GLY B 72 -28.15 18.03 9.21
CA GLY B 72 -27.26 18.23 10.35
C GLY B 72 -26.24 17.14 10.63
N VAL B 73 -25.22 17.02 9.75
CA VAL B 73 -24.14 16.05 9.95
C VAL B 73 -22.87 16.81 10.28
N LYS B 74 -22.74 17.18 11.56
CA LYS B 74 -21.58 17.89 12.07
C LYS B 74 -20.74 16.94 12.93
N GLY B 75 -19.51 17.33 13.22
CA GLY B 75 -18.65 16.55 14.08
C GLY B 75 -17.22 17.04 14.13
N ASP B 76 -16.42 16.41 15.01
CA ASP B 76 -15.01 16.71 15.16
C ASP B 76 -14.20 15.86 14.19
N LEU B 77 -14.59 14.58 13.99
CA LEU B 77 -13.81 13.68 13.14
C LEU B 77 -14.61 12.96 12.08
N LEU B 78 -14.08 12.96 10.86
CA LEU B 78 -14.65 12.21 9.76
C LEU B 78 -13.53 11.36 9.25
N ILE B 79 -13.76 10.05 9.16
CA ILE B 79 -12.80 9.08 8.60
C ILE B 79 -13.27 8.75 7.20
N ASP B 80 -12.38 8.79 6.22
CA ASP B 80 -12.72 8.49 4.83
C ASP B 80 -12.13 7.13 4.43
N ILE B 81 -13.00 6.15 4.22
CA ILE B 81 -12.61 4.77 3.90
C ILE B 81 -12.62 4.45 2.40
N GLY B 82 -11.44 4.07 1.90
CA GLY B 82 -11.23 3.74 0.50
C GLY B 82 -11.47 4.96 -0.36
N SER B 83 -10.80 6.06 0.00
CA SER B 83 -10.96 7.36 -0.66
C SER B 83 -10.82 7.33 -2.15
N GLY B 84 -9.96 6.43 -2.63
CA GLY B 84 -9.53 6.37 -4.02
C GLY B 84 -8.49 7.47 -4.19
N PRO B 85 -8.04 7.77 -5.42
CA PRO B 85 -7.12 8.90 -5.60
C PRO B 85 -7.90 10.22 -5.70
N THR B 86 -9.11 10.29 -5.07
CA THR B 86 -10.02 11.40 -5.24
C THR B 86 -10.30 12.22 -3.95
N ILE B 87 -10.69 13.47 -4.15
CA ILE B 87 -10.97 14.38 -3.07
C ILE B 87 -12.37 15.02 -3.17
N TYR B 88 -13.17 14.70 -4.22
CA TYR B 88 -14.49 15.35 -4.36
C TYR B 88 -15.41 15.06 -3.18
N GLN B 89 -15.31 13.87 -2.61
CA GLN B 89 -16.14 13.44 -1.49
C GLN B 89 -15.80 14.15 -0.17
N LEU B 90 -14.79 15.03 -0.17
CA LEU B 90 -14.33 15.73 1.01
C LEU B 90 -14.55 17.26 1.01
N LEU B 91 -15.05 17.82 -0.10
CA LEU B 91 -15.24 19.27 -0.25
C LEU B 91 -16.34 19.85 0.64
N SER B 92 -17.56 19.25 0.63
CA SER B 92 -18.64 19.72 1.51
C SER B 92 -18.39 19.27 2.95
N ALA B 93 -17.89 18.03 3.10
CA ALA B 93 -17.55 17.43 4.38
C ALA B 93 -16.69 18.30 5.26
N CYS B 94 -15.72 19.03 4.70
CA CYS B 94 -14.82 19.85 5.51
C CYS B 94 -15.48 21.10 6.11
N GLU B 95 -16.61 21.55 5.54
CA GLU B 95 -17.34 22.67 6.13
C GLU B 95 -18.17 22.20 7.39
N SER B 96 -18.14 20.88 7.67
CA SER B 96 -18.87 20.20 8.73
C SER B 96 -17.96 19.48 9.75
N PHE B 97 -16.65 19.31 9.43
CA PHE B 97 -15.73 18.55 10.28
C PHE B 97 -14.40 19.23 10.56
N LYS B 98 -14.01 19.29 11.84
CA LYS B 98 -12.75 19.87 12.26
C LYS B 98 -11.56 19.03 11.73
N GLU B 99 -11.64 17.69 11.85
CA GLU B 99 -10.56 16.80 11.45
C GLU B 99 -11.02 15.72 10.48
N ILE B 100 -10.33 15.59 9.34
CA ILE B 100 -10.64 14.55 8.37
C ILE B 100 -9.44 13.61 8.26
N VAL B 101 -9.67 12.30 8.25
CA VAL B 101 -8.63 11.29 8.07
C VAL B 101 -8.93 10.60 6.73
N VAL B 102 -7.98 10.61 5.75
CA VAL B 102 -8.18 9.98 4.44
C VAL B 102 -7.42 8.66 4.33
N THR B 103 -8.07 7.60 3.89
CA THR B 103 -7.44 6.29 3.85
C THR B 103 -7.67 5.56 2.53
N ASP B 104 -6.85 4.50 2.25
CA ASP B 104 -6.98 3.66 1.07
C ASP B 104 -6.03 2.49 1.07
N TYR B 105 -6.45 1.39 0.47
CA TYR B 105 -5.64 0.19 0.38
C TYR B 105 -4.49 0.34 -0.63
N SER B 106 -4.71 1.10 -1.71
CA SER B 106 -3.76 1.32 -2.80
C SER B 106 -2.70 2.38 -2.52
N ASP B 107 -1.42 2.00 -2.58
CA ASP B 107 -0.28 2.90 -2.36
C ASP B 107 -0.16 3.99 -3.40
N GLN B 108 -0.15 3.68 -4.72
CA GLN B 108 -0.01 4.73 -5.74
C GLN B 108 -1.20 5.76 -5.64
N ASN B 109 -2.34 5.35 -5.00
CA ASN B 109 -3.57 6.10 -4.70
C ASN B 109 -3.36 7.01 -3.49
N LEU B 110 -2.61 6.53 -2.49
CA LEU B 110 -2.19 7.27 -1.31
C LEU B 110 -1.19 8.34 -1.75
N GLN B 111 -0.28 7.98 -2.67
CA GLN B 111 0.72 8.84 -3.29
C GLN B 111 0.02 10.01 -3.96
N GLU B 112 -1.02 9.75 -4.77
CA GLU B 112 -1.77 10.76 -5.50
C GLU B 112 -2.46 11.78 -4.57
N LEU B 113 -2.94 11.31 -3.40
CA LEU B 113 -3.59 12.09 -2.34
C LEU B 113 -2.55 12.94 -1.59
N GLU B 114 -1.37 12.37 -1.35
CA GLU B 114 -0.22 13.02 -0.72
C GLU B 114 0.27 14.18 -1.63
N LYS B 115 0.15 14.05 -2.96
CA LYS B 115 0.58 15.11 -3.89
C LYS B 115 -0.40 16.28 -3.90
N TRP B 116 -1.71 16.01 -3.96
CA TRP B 116 -2.73 17.03 -3.95
C TRP B 116 -2.67 17.83 -2.61
N LEU B 117 -2.41 17.12 -1.49
CA LEU B 117 -2.29 17.67 -0.14
C LEU B 117 -1.07 18.60 -0.03
N LYS B 118 0.04 18.19 -0.66
CA LYS B 118 1.26 19.00 -0.72
C LYS B 118 1.08 20.26 -1.57
N ALA B 119 0.10 20.26 -2.49
CA ALA B 119 -0.20 21.25 -3.54
C ALA B 119 0.91 21.22 -4.60
N ALA B 120 1.48 20.01 -4.84
CA ALA B 120 2.54 19.71 -5.78
C ALA B 120 2.05 20.04 -7.17
N PRO B 121 2.89 20.72 -7.97
CA PRO B 121 2.47 21.06 -9.34
C PRO B 121 2.03 19.86 -10.20
N ALA B 122 2.69 18.71 -10.05
CA ALA B 122 2.37 17.52 -10.85
C ALA B 122 1.24 16.67 -10.31
N ALA B 123 0.41 17.22 -9.42
CA ALA B 123 -0.73 16.50 -8.87
C ALA B 123 -1.99 16.85 -9.67
N PHE B 124 -3.03 15.99 -9.57
CA PHE B 124 -4.30 16.17 -10.26
C PHE B 124 -4.92 17.50 -9.96
N ASP B 125 -5.57 18.09 -10.99
CA ASP B 125 -6.24 19.40 -10.95
C ASP B 125 -7.72 19.24 -10.65
N TRP B 126 -8.12 19.39 -9.37
CA TRP B 126 -9.53 19.27 -9.00
C TRP B 126 -10.24 20.64 -9.02
N SER B 127 -9.66 21.68 -9.64
CA SER B 127 -10.27 23.02 -9.69
C SER B 127 -11.61 23.08 -10.40
N PRO B 128 -11.89 22.34 -11.50
CA PRO B 128 -13.26 22.39 -12.07
C PRO B 128 -14.29 21.77 -11.13
N VAL B 129 -13.90 20.76 -10.36
CA VAL B 129 -14.78 20.08 -9.41
C VAL B 129 -14.96 20.93 -8.13
N VAL B 130 -13.91 21.68 -7.73
CA VAL B 130 -13.90 22.52 -6.52
C VAL B 130 -14.77 23.72 -6.73
N THR B 131 -14.59 24.39 -7.87
CA THR B 131 -15.36 25.54 -8.31
C THR B 131 -16.85 25.12 -8.41
N TYR B 132 -17.14 23.89 -8.86
CA TYR B 132 -18.51 23.40 -8.89
C TYR B 132 -19.14 23.38 -7.50
N VAL B 133 -18.46 22.74 -6.54
CA VAL B 133 -18.89 22.67 -5.14
C VAL B 133 -19.07 24.06 -4.56
N CYS B 134 -18.15 24.97 -4.83
CA CYS B 134 -18.22 26.34 -4.33
C CYS B 134 -19.50 27.07 -4.77
N ASP B 135 -20.00 26.75 -5.98
CA ASP B 135 -21.24 27.31 -6.56
C ASP B 135 -22.45 26.65 -5.89
N LEU B 136 -22.36 25.33 -5.56
CA LEU B 136 -23.41 24.64 -4.82
C LEU B 136 -23.64 25.33 -3.47
N GLU B 137 -22.57 25.79 -2.82
CA GLU B 137 -22.65 26.49 -1.55
C GLU B 137 -22.90 28.01 -1.69
N GLY B 138 -23.33 28.48 -2.84
CA GLY B 138 -23.65 29.88 -3.06
C GLY B 138 -22.51 30.87 -3.17
N ASN B 139 -21.29 30.38 -3.40
CA ASN B 139 -20.07 31.18 -3.53
C ASN B 139 -19.77 32.12 -2.33
N ARG B 140 -19.87 31.59 -1.09
CA ARG B 140 -19.51 32.39 0.09
C ARG B 140 -17.99 32.69 0.10
N VAL B 141 -17.18 31.76 -0.49
CA VAL B 141 -15.73 31.82 -0.68
C VAL B 141 -15.38 31.36 -2.12
N LYS B 142 -14.20 31.75 -2.63
CA LYS B 142 -13.79 31.33 -3.96
C LYS B 142 -13.10 29.92 -3.94
N GLY B 143 -12.92 29.34 -5.13
CA GLY B 143 -12.30 28.04 -5.33
C GLY B 143 -11.04 27.78 -4.53
N PRO B 144 -9.98 28.61 -4.72
CA PRO B 144 -8.73 28.41 -3.98
C PRO B 144 -8.80 28.47 -2.45
N GLU B 145 -9.82 29.12 -1.87
CA GLU B 145 -9.98 29.17 -0.42
C GLU B 145 -10.54 27.84 0.09
N LYS B 146 -11.49 27.23 -0.66
CA LYS B 146 -12.10 25.94 -0.31
C LYS B 146 -11.05 24.80 -0.35
N GLU B 147 -10.23 24.75 -1.42
CA GLU B 147 -9.16 23.77 -1.56
C GLU B 147 -8.20 23.90 -0.39
N GLU B 148 -7.92 25.14 0.07
CA GLU B 148 -7.05 25.41 1.20
C GLU B 148 -7.65 24.94 2.51
N LYS B 149 -8.93 25.20 2.73
CA LYS B 149 -9.62 24.74 3.93
C LYS B 149 -9.65 23.23 4.00
N LEU B 150 -9.81 22.55 2.84
CA LEU B 150 -9.81 21.08 2.79
C LEU B 150 -8.43 20.52 3.05
N ARG B 151 -7.43 21.06 2.38
CA ARG B 151 -6.05 20.63 2.55
C ARG B 151 -5.57 20.71 4.00
N GLN B 152 -6.05 21.67 4.80
CA GLN B 152 -5.65 21.80 6.21
C GLN B 152 -6.43 20.85 7.11
N ALA B 153 -7.70 20.54 6.74
CA ALA B 153 -8.59 19.63 7.45
C ALA B 153 -8.11 18.19 7.39
N VAL B 154 -7.37 17.80 6.31
CA VAL B 154 -6.80 16.44 6.28
C VAL B 154 -5.67 16.36 7.31
N LYS B 155 -5.87 15.56 8.34
CA LYS B 155 -4.90 15.42 9.41
C LYS B 155 -4.07 14.16 9.26
N GLN B 156 -4.64 13.06 8.76
CA GLN B 156 -3.85 11.85 8.51
C GLN B 156 -4.16 11.27 7.12
N VAL B 157 -3.22 10.51 6.56
CA VAL B 157 -3.36 9.78 5.29
C VAL B 157 -2.95 8.35 5.67
N LEU B 158 -3.94 7.49 5.91
CA LEU B 158 -3.66 6.15 6.40
C LEU B 158 -3.85 5.00 5.42
N LYS B 159 -3.23 3.86 5.74
CA LYS B 159 -3.38 2.65 4.96
C LYS B 159 -4.54 1.89 5.62
N CYS B 160 -5.51 1.49 4.81
CA CYS B 160 -6.66 0.75 5.30
C CYS B 160 -6.84 -0.57 4.53
N ASP B 161 -7.90 -1.30 4.86
CA ASP B 161 -8.32 -2.53 4.25
C ASP B 161 -9.57 -2.83 4.97
N VAL B 162 -10.74 -2.62 4.32
CA VAL B 162 -12.01 -2.86 5.00
C VAL B 162 -12.16 -4.36 5.39
N THR B 163 -11.65 -5.32 4.58
CA THR B 163 -11.75 -6.77 4.88
C THR B 163 -11.18 -7.20 6.24
N GLN B 164 -10.36 -6.35 6.87
CA GLN B 164 -9.76 -6.63 8.18
C GLN B 164 -10.68 -6.21 9.30
N SER B 165 -10.57 -6.89 10.46
CA SER B 165 -11.33 -6.56 11.67
C SER B 165 -10.89 -5.19 12.24
N GLN B 166 -9.60 -4.86 12.08
CA GLN B 166 -9.01 -3.56 12.42
C GLN B 166 -8.63 -3.00 11.06
N PRO B 167 -9.55 -2.23 10.44
CA PRO B 167 -9.29 -1.72 9.09
C PRO B 167 -8.16 -0.73 9.02
N LEU B 168 -8.03 0.13 10.03
CA LEU B 168 -6.95 1.10 10.06
C LEU B 168 -5.73 0.59 10.87
N GLY B 169 -5.55 -0.72 10.92
CA GLY B 169 -4.46 -1.38 11.64
C GLY B 169 -4.36 -1.03 13.11
N ALA B 170 -3.14 -1.10 13.64
CA ALA B 170 -2.89 -0.78 15.04
C ALA B 170 -2.65 0.73 15.25
N VAL B 171 -3.47 1.57 14.62
CA VAL B 171 -3.32 3.02 14.71
C VAL B 171 -4.23 3.56 15.77
N PRO B 172 -3.73 4.42 16.68
CA PRO B 172 -4.61 4.99 17.70
C PRO B 172 -5.52 6.06 17.10
N LEU B 173 -6.82 5.76 17.02
CA LEU B 173 -7.78 6.71 16.48
C LEU B 173 -8.97 6.89 17.40
N PRO B 174 -9.41 8.15 17.60
CA PRO B 174 -10.59 8.39 18.45
C PRO B 174 -11.91 8.04 17.75
N PRO B 175 -13.01 7.86 18.51
CA PRO B 175 -14.31 7.52 17.88
C PRO B 175 -14.76 8.58 16.89
N ALA B 176 -14.94 8.19 15.62
CA ALA B 176 -15.35 9.14 14.60
C ALA B 176 -16.82 9.43 14.72
N ASP B 177 -17.20 10.66 14.40
CA ASP B 177 -18.58 11.10 14.37
C ASP B 177 -19.22 10.52 13.11
N CYS B 178 -18.51 10.58 11.98
CA CYS B 178 -18.97 10.01 10.71
C CYS B 178 -17.91 9.17 10.09
N VAL B 179 -18.34 8.18 9.33
CA VAL B 179 -17.46 7.37 8.51
C VAL B 179 -17.98 7.53 7.08
N LEU B 180 -17.13 7.99 6.17
CA LEU B 180 -17.54 8.16 4.77
C LEU B 180 -16.91 7.08 3.89
N SER B 181 -17.64 6.65 2.87
CA SER B 181 -17.14 5.66 1.93
C SER B 181 -17.83 5.75 0.58
N THR B 182 -17.15 6.28 -0.42
CA THR B 182 -17.71 6.41 -1.77
C THR B 182 -16.95 5.50 -2.72
N LEU B 183 -17.68 4.77 -3.56
CA LEU B 183 -17.15 3.88 -4.60
C LEU B 183 -16.02 2.97 -4.12
N CYS B 184 -16.14 2.39 -2.92
CA CYS B 184 -15.08 1.55 -2.37
C CYS B 184 -15.48 0.06 -2.18
N LEU B 185 -16.50 -0.20 -1.31
CA LEU B 185 -16.99 -1.51 -0.89
C LEU B 185 -17.49 -2.40 -2.03
N ASP B 186 -17.94 -1.76 -3.12
CA ASP B 186 -18.40 -2.47 -4.31
C ASP B 186 -17.19 -3.19 -4.93
N ALA B 187 -16.05 -2.50 -5.04
CA ALA B 187 -14.83 -3.07 -5.60
C ALA B 187 -13.95 -3.80 -4.58
N ALA B 188 -14.21 -3.60 -3.27
CA ALA B 188 -13.47 -4.19 -2.16
C ALA B 188 -14.07 -5.46 -1.60
N CYS B 189 -15.40 -5.63 -1.72
CA CYS B 189 -16.07 -6.78 -1.10
C CYS B 189 -16.55 -7.83 -2.11
N PRO B 190 -15.88 -9.00 -2.14
CA PRO B 190 -16.20 -10.02 -3.15
C PRO B 190 -17.45 -10.83 -3.01
N ASP B 191 -18.34 -10.52 -2.04
CA ASP B 191 -19.61 -11.24 -1.75
C ASP B 191 -20.33 -10.62 -0.58
N LEU B 192 -21.64 -10.91 -0.43
CA LEU B 192 -22.51 -10.41 0.65
C LEU B 192 -22.00 -10.64 2.09
N PRO B 193 -21.43 -11.82 2.46
CA PRO B 193 -20.86 -11.94 3.82
C PRO B 193 -19.71 -10.93 3.99
N THR B 194 -18.84 -10.78 2.97
CA THR B 194 -17.72 -9.82 3.01
C THR B 194 -18.22 -8.37 3.08
N TYR B 195 -19.24 -8.01 2.28
CA TYR B 195 -19.84 -6.67 2.31
C TYR B 195 -20.31 -6.34 3.72
N CYS B 196 -20.93 -7.34 4.39
CA CYS B 196 -21.46 -7.24 5.75
C CYS B 196 -20.35 -7.13 6.77
N ARG B 197 -19.29 -7.93 6.61
CA ARG B 197 -18.14 -7.89 7.51
C ARG B 197 -17.48 -6.53 7.43
N ALA B 198 -17.34 -5.98 6.23
CA ALA B 198 -16.75 -4.66 6.05
C ALA B 198 -17.55 -3.57 6.75
N LEU B 199 -18.87 -3.67 6.75
CA LEU B 199 -19.75 -2.69 7.41
C LEU B 199 -19.67 -2.81 8.94
N ARG B 200 -19.44 -4.03 9.47
CA ARG B 200 -19.18 -4.28 10.88
C ARG B 200 -17.79 -3.71 11.26
N ASN B 201 -16.82 -3.80 10.34
CA ASN B 201 -15.46 -3.26 10.53
C ASN B 201 -15.48 -1.73 10.57
N LEU B 202 -16.27 -1.09 9.70
CA LEU B 202 -16.42 0.36 9.73
C LEU B 202 -17.12 0.87 10.98
N GLY B 203 -17.85 -0.02 11.68
CA GLY B 203 -18.53 0.30 12.93
C GLY B 203 -17.54 0.39 14.07
N SER B 204 -16.46 -0.42 14.03
CA SER B 204 -15.41 -0.39 15.06
C SER B 204 -14.69 0.98 15.13
N LEU B 205 -14.67 1.70 13.99
CA LEU B 205 -14.08 3.03 13.86
C LEU B 205 -15.09 4.15 14.22
N LEU B 206 -16.37 3.80 14.44
CA LEU B 206 -17.51 4.68 14.69
C LEU B 206 -17.93 4.79 16.14
N LYS B 207 -18.23 6.02 16.57
CA LYS B 207 -18.74 6.36 17.88
C LYS B 207 -20.16 5.81 17.94
N PRO B 208 -20.62 5.21 19.07
CA PRO B 208 -22.02 4.72 19.11
C PRO B 208 -23.00 5.86 18.84
N GLY B 209 -23.86 5.64 17.86
CA GLY B 209 -24.83 6.65 17.46
C GLY B 209 -24.31 7.65 16.45
N GLY B 210 -23.25 7.27 15.76
CA GLY B 210 -22.60 8.09 14.75
C GLY B 210 -22.92 7.67 13.33
N PHE B 211 -22.83 8.62 12.40
CA PHE B 211 -23.18 8.43 11.01
C PHE B 211 -22.24 7.52 10.22
N LEU B 212 -22.80 6.85 9.22
CA LEU B 212 -22.14 6.03 8.22
C LEU B 212 -22.72 6.55 6.89
N VAL B 213 -21.86 7.00 5.96
CA VAL B 213 -22.38 7.53 4.70
C VAL B 213 -21.78 6.78 3.52
N ILE B 214 -22.58 5.98 2.84
CA ILE B 214 -22.10 5.24 1.66
C ILE B 214 -22.81 5.72 0.38
N MET B 215 -22.05 5.78 -0.71
CA MET B 215 -22.42 6.07 -2.07
C MET B 215 -21.66 5.06 -2.90
N ASP B 216 -22.34 4.35 -3.82
CA ASP B 216 -21.73 3.32 -4.64
C ASP B 216 -22.62 2.98 -5.86
N ALA B 217 -22.09 2.19 -6.83
CA ALA B 217 -22.86 1.77 -7.98
C ALA B 217 -23.91 0.69 -7.60
N LEU B 218 -25.00 0.65 -8.38
CA LEU B 218 -26.05 -0.33 -8.21
C LEU B 218 -26.09 -1.33 -9.38
N LYS B 219 -26.12 -2.64 -9.05
CA LYS B 219 -26.19 -3.77 -10.00
C LYS B 219 -25.05 -3.79 -11.01
N SER B 220 -23.82 -3.52 -10.53
CA SER B 220 -22.60 -3.49 -11.35
C SER B 220 -21.72 -4.71 -11.08
N SER B 221 -21.42 -5.54 -12.12
CA SER B 221 -20.57 -6.73 -12.01
C SER B 221 -19.11 -6.47 -12.43
N TYR B 222 -18.85 -5.37 -13.18
CA TYR B 222 -17.49 -4.96 -13.62
C TYR B 222 -17.42 -3.43 -13.77
N TYR B 223 -16.21 -2.88 -13.72
CA TYR B 223 -15.92 -1.48 -14.06
C TYR B 223 -14.53 -1.43 -14.72
N MET B 224 -14.33 -0.48 -15.62
CA MET B 224 -13.06 -0.41 -16.37
C MET B 224 -12.28 0.86 -16.12
N ILE B 225 -10.99 0.82 -16.46
CA ILE B 225 -10.00 1.88 -16.48
C ILE B 225 -9.19 1.57 -17.76
N GLY B 226 -9.55 2.20 -18.88
CA GLY B 226 -8.95 1.87 -20.15
C GLY B 226 -9.41 0.49 -20.59
N GLU B 227 -8.45 -0.45 -20.79
CA GLU B 227 -8.75 -1.84 -21.17
C GLU B 227 -8.70 -2.82 -19.96
N GLN B 228 -8.38 -2.32 -18.76
CA GLN B 228 -8.35 -3.16 -17.55
C GLN B 228 -9.75 -3.34 -16.96
N LYS B 229 -10.27 -4.57 -16.98
CA LYS B 229 -11.55 -4.86 -16.39
C LYS B 229 -11.29 -5.09 -14.92
N PHE B 230 -12.14 -4.56 -14.03
CA PHE B 230 -12.00 -4.74 -12.59
C PHE B 230 -13.34 -5.21 -12.03
N SER B 231 -13.34 -6.20 -11.13
CA SER B 231 -14.58 -6.70 -10.55
C SER B 231 -15.26 -5.73 -9.62
N SER B 232 -16.58 -5.88 -9.46
CA SER B 232 -17.41 -5.15 -8.50
C SER B 232 -18.65 -6.01 -8.16
N LEU B 233 -19.10 -5.94 -6.92
CA LEU B 233 -20.24 -6.73 -6.41
C LEU B 233 -21.56 -6.13 -6.92
N PRO B 234 -22.36 -6.94 -7.66
CA PRO B 234 -23.57 -6.40 -8.26
C PRO B 234 -24.78 -6.43 -7.35
N LEU B 235 -24.71 -5.72 -6.21
CA LEU B 235 -25.86 -5.68 -5.33
C LEU B 235 -26.89 -4.69 -5.80
N GLY B 236 -28.16 -5.06 -5.62
CA GLY B 236 -29.33 -4.25 -5.91
C GLY B 236 -29.71 -3.36 -4.74
N ARG B 237 -30.74 -2.51 -4.92
CA ARG B 237 -31.12 -1.56 -3.86
C ARG B 237 -31.76 -2.18 -2.61
N GLU B 238 -31.82 -3.50 -2.53
CA GLU B 238 -32.39 -4.19 -1.38
C GLU B 238 -31.30 -4.98 -0.63
N ALA B 239 -30.26 -5.47 -1.34
CA ALA B 239 -29.14 -6.16 -0.68
C ALA B 239 -28.28 -5.19 0.16
N VAL B 240 -28.30 -3.89 -0.18
CA VAL B 240 -27.60 -2.83 0.54
C VAL B 240 -28.35 -2.61 1.84
N GLU B 241 -29.70 -2.48 1.77
CA GLU B 241 -30.61 -2.29 2.91
C GLU B 241 -30.40 -3.45 3.91
N ALA B 242 -30.34 -4.68 3.37
CA ALA B 242 -30.13 -5.93 4.09
C ALA B 242 -28.82 -6.00 4.90
N ALA B 243 -27.66 -5.69 4.28
CA ALA B 243 -26.37 -5.75 4.96
C ALA B 243 -26.12 -4.58 5.90
N VAL B 244 -26.73 -3.44 5.62
CA VAL B 244 -26.60 -2.27 6.50
C VAL B 244 -27.29 -2.57 7.82
N LYS B 245 -28.53 -3.10 7.77
CA LYS B 245 -29.30 -3.44 8.97
C LYS B 245 -28.76 -4.66 9.73
N GLU B 246 -28.00 -5.55 9.07
CA GLU B 246 -27.39 -6.70 9.74
C GLU B 246 -26.07 -6.30 10.44
N ALA B 247 -25.36 -5.29 9.91
CA ALA B 247 -24.10 -4.86 10.51
C ALA B 247 -24.27 -3.94 11.73
N GLY B 248 -25.50 -3.59 12.09
CA GLY B 248 -25.75 -2.78 13.27
C GLY B 248 -26.04 -1.32 13.01
N TYR B 249 -26.77 -1.01 11.93
CA TYR B 249 -27.09 0.39 11.61
C TYR B 249 -28.56 0.55 11.34
N THR B 250 -29.08 1.74 11.61
CA THR B 250 -30.45 2.09 11.30
C THR B 250 -30.38 3.12 10.14
N ILE B 251 -31.11 2.91 9.03
CA ILE B 251 -31.07 3.81 7.84
C ILE B 251 -31.88 5.10 8.06
N GLU B 252 -31.23 6.23 7.96
CA GLU B 252 -31.85 7.54 8.07
C GLU B 252 -32.56 7.83 6.74
N TRP B 253 -31.85 7.65 5.62
CA TRP B 253 -32.39 7.83 4.28
C TRP B 253 -31.63 7.06 3.23
N PHE B 254 -32.30 6.77 2.10
CA PHE B 254 -31.74 5.99 1.03
C PHE B 254 -32.21 6.55 -0.29
N GLU B 255 -31.31 7.17 -1.07
CA GLU B 255 -31.62 7.71 -2.39
C GLU B 255 -31.01 6.85 -3.50
N VAL B 256 -31.72 6.60 -4.61
CA VAL B 256 -31.22 5.81 -5.74
C VAL B 256 -31.41 6.59 -7.05
N ILE B 257 -30.32 6.83 -7.82
CA ILE B 257 -30.42 7.48 -9.14
C ILE B 257 -30.39 6.45 -10.25
N SER B 258 -31.07 6.75 -11.36
CA SER B 258 -31.10 5.87 -12.54
C SER B 258 -29.85 6.03 -13.43
N GLN B 259 -29.09 7.10 -13.24
CA GLN B 259 -27.90 7.42 -13.99
C GLN B 259 -26.87 6.30 -13.90
N SER B 260 -26.44 5.81 -15.07
CA SER B 260 -25.39 4.81 -15.23
C SER B 260 -24.20 5.38 -15.99
N TYR B 261 -23.03 4.83 -15.73
CA TYR B 261 -21.81 5.16 -16.42
C TYR B 261 -21.95 4.71 -17.90
N SER B 262 -21.23 5.36 -18.83
CA SER B 262 -21.22 5.02 -20.26
C SER B 262 -21.21 3.49 -20.55
N SER B 263 -21.34 3.09 -21.84
CA SER B 263 -21.34 1.67 -22.20
C SER B 263 -19.98 1.01 -21.99
N THR B 264 -18.90 1.81 -22.08
CA THR B 264 -17.54 1.29 -21.99
C THR B 264 -16.89 1.45 -20.62
N MET B 265 -17.49 2.25 -19.73
CA MET B 265 -16.94 2.41 -18.38
C MET B 265 -17.44 1.30 -17.42
N ALA B 266 -18.76 1.16 -17.18
CA ALA B 266 -19.31 0.17 -16.25
C ALA B 266 -20.69 -0.38 -16.66
N ASN B 267 -21.12 -1.53 -16.07
CA ASN B 267 -22.41 -2.12 -16.34
C ASN B 267 -23.39 -1.95 -15.18
N ASN B 268 -23.40 -0.78 -14.54
CA ASN B 268 -24.32 -0.52 -13.44
C ASN B 268 -25.68 -0.14 -13.95
N GLU B 269 -26.72 -0.55 -13.23
CA GLU B 269 -28.10 -0.18 -13.51
C GLU B 269 -28.37 1.26 -12.97
N GLY B 270 -27.67 1.64 -11.90
CA GLY B 270 -27.82 2.96 -11.31
C GLY B 270 -26.79 3.25 -10.24
N LEU B 271 -27.13 4.10 -9.27
CA LEU B 271 -26.25 4.48 -8.18
C LEU B 271 -27.04 4.71 -6.93
N PHE B 272 -26.41 4.60 -5.75
CA PHE B 272 -27.13 4.80 -4.48
C PHE B 272 -26.37 5.75 -3.54
N SER B 273 -27.07 6.19 -2.49
CA SER B 273 -26.51 7.05 -1.47
C SER B 273 -27.40 6.93 -0.22
N LEU B 274 -26.83 6.39 0.85
CA LEU B 274 -27.56 6.24 2.09
C LEU B 274 -26.86 6.92 3.26
N VAL B 275 -27.62 7.28 4.29
CA VAL B 275 -27.09 7.82 5.52
C VAL B 275 -27.64 6.90 6.61
N ALA B 276 -26.77 6.38 7.49
CA ALA B 276 -27.22 5.51 8.57
C ALA B 276 -26.68 6.00 9.92
N ARG B 277 -27.24 5.53 11.04
CA ARG B 277 -26.80 5.90 12.38
C ARG B 277 -26.36 4.62 13.09
N LYS B 278 -25.23 4.64 13.83
CA LYS B 278 -24.77 3.43 14.54
C LYS B 278 -25.53 3.17 15.85
N LEU B 279 -25.60 1.89 16.30
CA LEU B 279 -26.26 1.51 17.56
C LEU B 279 -25.74 0.19 18.11
N GLY C 23 7.64 -21.55 -14.70
CA GLY C 23 7.14 -21.84 -16.03
C GLY C 23 5.94 -22.79 -16.05
N PHE C 24 5.37 -23.04 -17.24
CA PHE C 24 4.25 -23.96 -17.42
C PHE C 24 4.76 -25.10 -18.29
N THR C 25 4.65 -26.37 -17.80
CA THR C 25 5.09 -27.61 -18.47
C THR C 25 4.82 -27.58 -20.01
N SER C 26 5.85 -27.86 -20.81
CA SER C 26 5.73 -27.88 -22.26
C SER C 26 5.07 -29.17 -22.68
N LYS C 27 4.32 -29.16 -23.78
CA LYS C 27 3.63 -30.36 -24.25
C LYS C 27 4.62 -31.46 -24.64
N ASP C 28 5.84 -31.09 -25.09
CA ASP C 28 6.87 -32.09 -25.41
C ASP C 28 7.23 -32.95 -24.19
N THR C 29 6.91 -32.50 -22.95
CA THR C 29 7.15 -33.26 -21.73
C THR C 29 6.28 -34.52 -21.71
N TYR C 30 5.09 -34.48 -22.32
CA TYR C 30 4.22 -35.66 -22.38
C TYR C 30 4.71 -36.69 -23.40
N LEU C 31 5.53 -36.26 -24.38
CA LEU C 31 6.11 -37.15 -25.36
C LEU C 31 7.48 -37.65 -24.85
N SER C 32 8.32 -36.75 -24.31
CA SER C 32 9.70 -36.98 -23.87
C SER C 32 9.91 -37.50 -22.45
N HIS C 33 8.98 -37.26 -21.52
CA HIS C 33 9.17 -37.70 -20.13
C HIS C 33 7.88 -37.98 -19.38
N PHE C 34 7.09 -38.93 -19.91
CA PHE C 34 5.82 -39.26 -19.30
C PHE C 34 5.54 -40.76 -19.34
N ASN C 35 5.28 -41.34 -18.17
CA ASN C 35 4.95 -42.75 -18.07
C ASN C 35 3.46 -42.87 -17.78
N PRO C 36 2.69 -43.47 -18.70
CA PRO C 36 1.25 -43.59 -18.48
C PRO C 36 0.91 -44.64 -17.42
N ARG C 37 1.61 -45.78 -17.44
CA ARG C 37 1.40 -46.87 -16.49
C ARG C 37 1.72 -46.47 -15.05
N ASP C 38 2.58 -45.47 -14.86
CA ASP C 38 2.89 -44.95 -13.54
C ASP C 38 1.75 -44.07 -13.04
N TYR C 39 1.09 -43.35 -13.96
CA TYR C 39 -0.03 -42.44 -13.73
C TYR C 39 -1.30 -43.25 -13.46
N LEU C 40 -1.56 -44.31 -14.25
CA LEU C 40 -2.75 -45.15 -14.06
C LEU C 40 -2.70 -45.92 -12.75
N GLU C 41 -1.49 -46.26 -12.27
CA GLU C 41 -1.37 -46.99 -11.01
C GLU C 41 -1.70 -46.10 -9.81
N LYS C 42 -1.26 -44.83 -9.80
CA LYS C 42 -1.48 -43.94 -8.66
C LYS C 42 -2.81 -43.20 -8.65
N TYR C 43 -3.46 -43.08 -9.80
CA TYR C 43 -4.73 -42.37 -9.89
C TYR C 43 -5.90 -43.27 -10.19
N TYR C 44 -5.66 -44.42 -10.84
CA TYR C 44 -6.74 -45.31 -11.23
C TYR C 44 -6.60 -46.69 -10.60
N LYS C 45 -6.27 -46.68 -9.31
CA LYS C 45 -6.07 -47.83 -8.45
C LYS C 45 -7.44 -48.49 -8.14
N PHE C 46 -8.44 -47.66 -7.84
CA PHE C 46 -9.79 -48.04 -7.45
C PHE C 46 -9.84 -48.97 -6.24
N SER C 51 -10.02 -43.48 -0.65
CA SER C 51 -9.13 -42.43 -1.13
C SER C 51 -9.84 -41.39 -1.99
N ALA C 52 -9.25 -40.18 -2.10
CA ALA C 52 -9.78 -39.08 -2.89
C ALA C 52 -9.69 -39.37 -4.39
N GLU C 53 -8.66 -40.11 -4.82
CA GLU C 53 -8.50 -40.47 -6.23
C GLU C 53 -9.53 -41.52 -6.66
N SER C 54 -10.00 -42.37 -5.71
CA SER C 54 -11.02 -43.39 -5.90
C SER C 54 -12.40 -42.72 -5.92
N GLN C 55 -12.64 -41.75 -5.01
CA GLN C 55 -13.89 -41.00 -4.90
C GLN C 55 -14.09 -40.07 -6.09
N ILE C 56 -13.02 -39.39 -6.53
CA ILE C 56 -13.07 -38.50 -7.70
C ILE C 56 -13.45 -39.30 -8.95
N LEU C 57 -12.91 -40.51 -9.09
CA LEU C 57 -13.25 -41.39 -10.20
C LEU C 57 -14.78 -41.70 -10.19
N LYS C 58 -15.32 -42.22 -9.07
CA LYS C 58 -16.76 -42.52 -8.92
C LYS C 58 -17.69 -41.35 -9.23
N HIS C 59 -17.37 -40.12 -8.77
CA HIS C 59 -18.24 -38.97 -9.06
C HIS C 59 -18.15 -38.52 -10.52
N LEU C 60 -16.99 -38.71 -11.19
CA LEU C 60 -16.82 -38.40 -12.61
C LEU C 60 -17.65 -39.42 -13.39
N LEU C 61 -17.57 -40.71 -13.02
CA LEU C 61 -18.32 -41.83 -13.60
C LEU C 61 -19.83 -41.62 -13.47
N LYS C 62 -20.32 -41.24 -12.27
CA LYS C 62 -21.73 -41.00 -12.00
C LYS C 62 -22.25 -39.83 -12.84
N ASN C 63 -21.39 -38.80 -13.03
CA ASN C 63 -21.68 -37.61 -13.86
C ASN C 63 -21.82 -38.02 -15.32
N LEU C 64 -20.98 -38.94 -15.78
CA LEU C 64 -21.05 -39.43 -17.15
C LEU C 64 -22.29 -40.33 -17.35
N PHE C 65 -22.67 -41.08 -16.30
CA PHE C 65 -23.88 -41.89 -16.30
C PHE C 65 -25.10 -40.95 -16.42
N LYS C 66 -25.13 -39.86 -15.65
CA LYS C 66 -26.16 -38.83 -15.65
C LYS C 66 -26.23 -38.15 -17.04
N ILE C 67 -25.08 -37.77 -17.60
CA ILE C 67 -24.98 -37.14 -18.93
C ILE C 67 -25.44 -38.05 -20.09
N PHE C 68 -24.76 -39.19 -20.35
CA PHE C 68 -25.05 -40.05 -21.49
C PHE C 68 -26.23 -40.97 -21.30
N CYS C 69 -26.54 -41.39 -20.06
CA CYS C 69 -27.62 -42.36 -19.85
C CYS C 69 -28.93 -41.78 -19.30
N LEU C 70 -28.85 -40.76 -18.43
CA LEU C 70 -30.07 -40.17 -17.88
C LEU C 70 -30.55 -39.07 -18.84
N ASP C 71 -29.68 -38.09 -19.13
CA ASP C 71 -29.92 -36.92 -19.99
C ASP C 71 -29.90 -37.26 -21.51
N GLY C 72 -30.23 -36.28 -22.35
CA GLY C 72 -30.32 -36.49 -23.79
C GLY C 72 -29.06 -36.34 -24.61
N VAL C 73 -27.93 -36.95 -24.16
CA VAL C 73 -26.68 -36.85 -24.92
C VAL C 73 -26.40 -38.13 -25.68
N LYS C 74 -26.92 -38.22 -26.91
CA LYS C 74 -26.70 -39.36 -27.75
C LYS C 74 -26.68 -38.98 -29.24
N GLY C 75 -26.03 -39.80 -30.05
CA GLY C 75 -25.91 -39.52 -31.47
C GLY C 75 -24.97 -40.46 -32.20
N ASP C 76 -24.61 -40.06 -33.42
CA ASP C 76 -23.74 -40.77 -34.34
C ASP C 76 -22.29 -40.77 -33.95
N LEU C 77 -21.69 -39.57 -33.82
CA LEU C 77 -20.27 -39.48 -33.54
C LEU C 77 -19.93 -38.78 -32.26
N LEU C 78 -18.99 -39.36 -31.51
CA LEU C 78 -18.43 -38.75 -30.30
C LEU C 78 -16.92 -38.62 -30.51
N ILE C 79 -16.38 -37.41 -30.36
CA ILE C 79 -14.93 -37.23 -30.44
C ILE C 79 -14.45 -36.94 -29.03
N ASP C 80 -13.71 -37.86 -28.44
CA ASP C 80 -13.18 -37.68 -27.11
C ASP C 80 -11.79 -37.10 -27.28
N ILE C 81 -11.61 -35.80 -26.96
CA ILE C 81 -10.33 -35.10 -27.11
C ILE C 81 -9.50 -35.19 -25.84
N GLY C 82 -8.20 -35.43 -25.98
CA GLY C 82 -7.28 -35.48 -24.85
C GLY C 82 -7.65 -36.56 -23.86
N SER C 83 -7.92 -37.74 -24.41
CA SER C 83 -8.35 -38.94 -23.73
C SER C 83 -7.38 -39.44 -22.67
N GLY C 84 -6.10 -39.11 -22.82
CA GLY C 84 -5.07 -39.64 -21.93
C GLY C 84 -4.92 -41.14 -22.15
N PRO C 85 -4.37 -41.86 -21.17
CA PRO C 85 -4.27 -43.32 -21.31
C PRO C 85 -5.43 -43.99 -20.57
N THR C 86 -6.64 -43.35 -20.54
CA THR C 86 -7.81 -43.81 -19.77
C THR C 86 -9.00 -44.16 -20.61
N ILE C 87 -9.78 -45.15 -20.17
CA ILE C 87 -10.98 -45.57 -20.89
C ILE C 87 -12.26 -45.44 -20.07
N TYR C 88 -12.15 -45.10 -18.77
CA TYR C 88 -13.29 -44.92 -17.87
C TYR C 88 -14.29 -43.92 -18.43
N GLN C 89 -13.80 -42.87 -19.12
CA GLN C 89 -14.65 -41.80 -19.61
C GLN C 89 -15.48 -42.17 -20.82
N LEU C 90 -15.43 -43.44 -21.29
CA LEU C 90 -16.24 -43.84 -22.45
C LEU C 90 -17.16 -45.00 -22.18
N LEU C 91 -17.26 -45.49 -20.92
CA LEU C 91 -18.11 -46.63 -20.60
C LEU C 91 -19.59 -46.27 -20.67
N SER C 92 -19.97 -45.05 -20.24
CA SER C 92 -21.36 -44.61 -20.35
C SER C 92 -21.67 -44.18 -21.76
N ALA C 93 -20.71 -43.52 -22.43
CA ALA C 93 -20.86 -43.03 -23.80
C ALA C 93 -20.96 -44.15 -24.83
N CYS C 94 -20.37 -45.35 -24.59
CA CYS C 94 -20.48 -46.45 -25.57
C CYS C 94 -21.92 -47.04 -25.64
N GLU C 95 -22.91 -46.37 -25.01
CA GLU C 95 -24.33 -46.77 -25.01
C GLU C 95 -25.18 -45.80 -25.83
N SER C 96 -24.84 -44.51 -25.78
CA SER C 96 -25.54 -43.42 -26.47
C SER C 96 -24.96 -43.12 -27.85
N PHE C 97 -23.71 -43.54 -28.11
CA PHE C 97 -23.04 -43.22 -29.37
C PHE C 97 -22.76 -44.42 -30.25
N LYS C 98 -23.13 -44.32 -31.55
CA LYS C 98 -22.90 -45.35 -32.56
C LYS C 98 -21.39 -45.55 -32.68
N GLU C 99 -20.64 -44.44 -32.92
CA GLU C 99 -19.19 -44.45 -33.04
C GLU C 99 -18.55 -43.35 -32.23
N ILE C 100 -17.34 -43.64 -31.73
CA ILE C 100 -16.46 -42.79 -30.93
C ILE C 100 -15.06 -42.75 -31.57
N VAL C 101 -14.33 -41.64 -31.39
CA VAL C 101 -12.92 -41.48 -31.83
C VAL C 101 -12.11 -40.95 -30.61
N VAL C 102 -11.13 -41.73 -30.12
CA VAL C 102 -10.31 -41.32 -28.98
C VAL C 102 -8.95 -40.75 -29.41
N THR C 103 -8.52 -39.61 -28.82
CA THR C 103 -7.30 -38.94 -29.24
C THR C 103 -6.40 -38.44 -28.10
N ASP C 104 -5.14 -38.06 -28.41
CA ASP C 104 -4.22 -37.48 -27.44
C ASP C 104 -2.97 -36.89 -28.09
N TYR C 105 -2.27 -36.00 -27.38
CA TYR C 105 -1.04 -35.38 -27.86
C TYR C 105 0.16 -36.30 -27.64
N SER C 106 0.25 -36.95 -26.47
CA SER C 106 1.33 -37.88 -26.17
C SER C 106 1.14 -39.20 -26.95
N ASP C 107 2.23 -39.78 -27.48
CA ASP C 107 2.13 -41.05 -28.20
C ASP C 107 2.23 -42.25 -27.28
N GLN C 108 2.93 -42.12 -26.13
CA GLN C 108 2.97 -43.23 -25.17
C GLN C 108 1.56 -43.47 -24.58
N ASN C 109 0.72 -42.42 -24.51
CA ASN C 109 -0.66 -42.49 -24.03
C ASN C 109 -1.51 -43.22 -25.02
N LEU C 110 -1.40 -42.88 -26.32
CA LEU C 110 -2.15 -43.56 -27.38
C LEU C 110 -1.85 -45.06 -27.37
N GLN C 111 -0.58 -45.41 -27.14
CA GLN C 111 -0.15 -46.80 -27.07
C GLN C 111 -0.92 -47.57 -26.00
N GLU C 112 -1.05 -47.02 -24.80
CA GLU C 112 -1.80 -47.66 -23.71
C GLU C 112 -3.31 -47.87 -24.03
N LEU C 113 -3.95 -46.90 -24.70
CA LEU C 113 -5.37 -46.98 -25.10
C LEU C 113 -5.62 -48.11 -26.10
N GLU C 114 -4.73 -48.24 -27.11
CA GLU C 114 -4.84 -49.24 -28.16
C GLU C 114 -4.65 -50.65 -27.62
N LYS C 115 -3.81 -50.80 -26.57
CA LYS C 115 -3.58 -52.08 -25.91
C LYS C 115 -4.89 -52.55 -25.31
N TRP C 116 -5.63 -51.64 -24.64
CA TRP C 116 -6.93 -51.92 -24.07
C TRP C 116 -7.93 -52.34 -25.17
N LEU C 117 -8.06 -51.56 -26.26
CA LEU C 117 -8.99 -51.92 -27.36
C LEU C 117 -8.54 -53.14 -28.20
N LYS C 118 -7.49 -53.84 -27.76
CA LYS C 118 -6.94 -55.05 -28.38
C LYS C 118 -6.74 -56.21 -27.35
N ALA C 119 -7.25 -56.03 -26.12
CA ALA C 119 -7.20 -56.96 -25.01
C ALA C 119 -5.83 -57.57 -24.78
N ALA C 120 -4.78 -56.78 -24.97
CA ALA C 120 -3.41 -57.23 -24.74
C ALA C 120 -3.17 -57.49 -23.23
N PRO C 121 -2.28 -58.41 -22.85
CA PRO C 121 -2.01 -58.62 -21.41
C PRO C 121 -1.31 -57.41 -20.77
N ALA C 122 -0.66 -56.57 -21.61
CA ALA C 122 0.01 -55.37 -21.16
C ALA C 122 -1.01 -54.29 -20.73
N ALA C 123 -2.25 -54.33 -21.31
CA ALA C 123 -3.34 -53.36 -21.05
C ALA C 123 -3.69 -53.17 -19.57
N PHE C 124 -4.21 -51.99 -19.22
CA PHE C 124 -4.56 -51.71 -17.84
C PHE C 124 -5.85 -52.41 -17.41
N ASP C 125 -5.90 -52.83 -16.12
CA ASP C 125 -7.06 -53.51 -15.54
C ASP C 125 -8.13 -52.53 -15.09
N TRP C 126 -9.10 -52.27 -15.95
CA TRP C 126 -10.24 -51.42 -15.61
C TRP C 126 -11.43 -52.31 -15.20
N SER C 127 -11.18 -53.54 -14.66
CA SER C 127 -12.27 -54.42 -14.25
C SER C 127 -13.07 -53.82 -13.09
N PRO C 128 -12.45 -53.34 -11.99
CA PRO C 128 -13.25 -52.71 -10.92
C PRO C 128 -14.02 -51.48 -11.41
N VAL C 129 -13.46 -50.74 -12.40
CA VAL C 129 -14.10 -49.57 -12.99
C VAL C 129 -15.31 -49.98 -13.83
N VAL C 130 -15.13 -50.98 -14.73
CA VAL C 130 -16.22 -51.46 -15.58
C VAL C 130 -17.34 -51.99 -14.71
N THR C 131 -17.00 -52.85 -13.73
CA THR C 131 -17.89 -53.42 -12.71
C THR C 131 -18.72 -52.33 -12.04
N TYR C 132 -18.08 -51.21 -11.67
CA TYR C 132 -18.72 -50.06 -11.03
C TYR C 132 -19.72 -49.42 -11.98
N VAL C 133 -19.32 -49.12 -13.23
CA VAL C 133 -20.22 -48.53 -14.24
C VAL C 133 -21.38 -49.51 -14.59
N CYS C 134 -21.07 -50.81 -14.59
CA CYS C 134 -22.05 -51.87 -14.83
C CYS C 134 -23.10 -51.93 -13.72
N ASP C 135 -22.68 -52.06 -12.46
CA ASP C 135 -23.62 -52.08 -11.34
C ASP C 135 -24.37 -50.73 -11.25
N LEU C 136 -23.70 -49.61 -11.60
CA LEU C 136 -24.22 -48.23 -11.64
C LEU C 136 -25.39 -48.13 -12.62
N GLU C 137 -25.30 -48.84 -13.75
CA GLU C 137 -26.35 -48.81 -14.78
C GLU C 137 -27.37 -49.94 -14.62
N GLY C 138 -27.59 -50.37 -13.38
CA GLY C 138 -28.57 -51.41 -13.04
C GLY C 138 -28.23 -52.81 -13.49
N ASN C 139 -26.94 -53.03 -13.80
CA ASN C 139 -26.38 -54.30 -14.29
C ASN C 139 -27.23 -54.97 -15.39
N ARG C 140 -27.47 -54.24 -16.50
CA ARG C 140 -28.19 -54.78 -17.65
C ARG C 140 -27.33 -55.88 -18.31
N VAL C 141 -26.02 -55.63 -18.40
CA VAL C 141 -24.99 -56.56 -18.88
C VAL C 141 -23.96 -56.75 -17.74
N LYS C 142 -23.06 -57.72 -17.88
CA LYS C 142 -21.97 -57.91 -16.92
C LYS C 142 -20.68 -57.18 -17.45
N GLY C 143 -19.61 -57.20 -16.67
CA GLY C 143 -18.34 -56.58 -17.04
C GLY C 143 -17.85 -56.83 -18.45
N PRO C 144 -17.71 -58.11 -18.88
CA PRO C 144 -17.21 -58.36 -20.25
C PRO C 144 -18.14 -57.97 -21.40
N GLU C 145 -19.39 -57.64 -21.11
CA GLU C 145 -20.35 -57.21 -22.12
C GLU C 145 -20.07 -55.73 -22.44
N LYS C 146 -19.90 -54.91 -21.41
CA LYS C 146 -19.61 -53.48 -21.56
C LYS C 146 -18.25 -53.25 -22.19
N GLU C 147 -17.26 -54.12 -21.85
CA GLU C 147 -15.91 -54.04 -22.40
C GLU C 147 -15.90 -54.27 -23.91
N GLU C 148 -16.76 -55.16 -24.43
CA GLU C 148 -16.82 -55.39 -25.88
C GLU C 148 -17.60 -54.28 -26.57
N LYS C 149 -18.71 -53.82 -25.96
CA LYS C 149 -19.53 -52.73 -26.49
C LYS C 149 -18.69 -51.47 -26.68
N LEU C 150 -17.71 -51.22 -25.76
CA LEU C 150 -16.82 -50.09 -25.86
C LEU C 150 -15.83 -50.28 -26.99
N ARG C 151 -15.13 -51.45 -27.01
CA ARG C 151 -14.15 -51.78 -28.04
C ARG C 151 -14.73 -51.67 -29.44
N GLN C 152 -15.99 -52.08 -29.61
CA GLN C 152 -16.70 -52.01 -30.88
C GLN C 152 -16.95 -50.57 -31.32
N ALA C 153 -17.36 -49.67 -30.38
CA ALA C 153 -17.64 -48.26 -30.63
C ALA C 153 -16.44 -47.40 -31.10
N VAL C 154 -15.27 -47.54 -30.44
CA VAL C 154 -14.09 -46.77 -30.86
C VAL C 154 -13.68 -47.16 -32.26
N LYS C 155 -13.88 -46.25 -33.22
CA LYS C 155 -13.58 -46.52 -34.61
C LYS C 155 -12.19 -46.04 -35.06
N GLN C 156 -11.65 -44.95 -34.48
CA GLN C 156 -10.27 -44.57 -34.78
C GLN C 156 -9.59 -43.92 -33.60
N VAL C 157 -8.27 -44.17 -33.47
CA VAL C 157 -7.41 -43.61 -32.43
C VAL C 157 -6.50 -42.61 -33.15
N LEU C 158 -6.80 -41.30 -33.07
CA LEU C 158 -6.02 -40.28 -33.75
C LEU C 158 -5.09 -39.50 -32.80
N LYS C 159 -4.17 -38.70 -33.35
CA LYS C 159 -3.30 -37.82 -32.56
C LYS C 159 -4.01 -36.44 -32.51
N CYS C 160 -4.04 -35.81 -31.32
CA CYS C 160 -4.73 -34.55 -31.11
C CYS C 160 -3.86 -33.44 -30.57
N ASP C 161 -4.33 -32.20 -30.70
CA ASP C 161 -3.66 -31.03 -30.14
C ASP C 161 -4.68 -29.92 -30.02
N VAL C 162 -5.26 -29.73 -28.80
CA VAL C 162 -6.28 -28.69 -28.53
C VAL C 162 -5.84 -27.28 -28.90
N THR C 163 -4.52 -27.04 -28.96
CA THR C 163 -3.98 -25.71 -29.27
C THR C 163 -4.11 -25.37 -30.76
N GLN C 164 -4.08 -26.36 -31.63
CA GLN C 164 -4.15 -26.15 -33.07
C GLN C 164 -5.56 -25.93 -33.60
N SER C 165 -5.71 -25.02 -34.59
CA SER C 165 -7.00 -24.70 -35.22
C SER C 165 -7.75 -25.96 -35.72
N GLN C 166 -6.96 -27.00 -36.08
CA GLN C 166 -7.37 -28.35 -36.43
C GLN C 166 -6.73 -29.24 -35.36
N PRO C 167 -7.49 -29.61 -34.33
CA PRO C 167 -6.94 -30.49 -33.30
C PRO C 167 -6.59 -31.87 -33.87
N LEU C 168 -7.32 -32.33 -34.89
CA LEU C 168 -7.09 -33.62 -35.54
C LEU C 168 -6.26 -33.55 -36.83
N GLY C 169 -5.84 -32.35 -37.19
CA GLY C 169 -4.98 -32.09 -38.34
C GLY C 169 -5.59 -32.29 -39.72
N ALA C 170 -5.02 -33.23 -40.45
CA ALA C 170 -5.48 -33.55 -41.79
C ALA C 170 -6.74 -34.42 -41.78
N VAL C 171 -6.79 -35.39 -40.84
CA VAL C 171 -7.83 -36.42 -40.72
C VAL C 171 -9.27 -35.91 -40.97
N PRO C 172 -9.93 -36.48 -41.99
CA PRO C 172 -11.30 -36.08 -42.26
C PRO C 172 -12.29 -36.80 -41.35
N LEU C 173 -13.33 -36.08 -40.94
CA LEU C 173 -14.38 -36.63 -40.10
C LEU C 173 -15.66 -35.90 -40.33
N PRO C 174 -16.79 -36.61 -40.21
CA PRO C 174 -18.08 -35.91 -40.24
C PRO C 174 -18.24 -35.13 -38.92
N PRO C 175 -19.11 -34.11 -38.88
CA PRO C 175 -19.24 -33.32 -37.65
C PRO C 175 -19.80 -34.15 -36.50
N ALA C 176 -19.06 -34.16 -35.38
CA ALA C 176 -19.45 -34.93 -34.22
C ALA C 176 -20.67 -34.32 -33.54
N ASP C 177 -21.50 -35.16 -32.92
CA ASP C 177 -22.66 -34.66 -32.22
C ASP C 177 -22.23 -34.24 -30.82
N CYS C 178 -21.37 -35.01 -30.16
CA CYS C 178 -20.82 -34.65 -28.85
C CYS C 178 -19.30 -34.67 -28.93
N VAL C 179 -18.64 -33.77 -28.18
CA VAL C 179 -17.19 -33.71 -28.04
C VAL C 179 -16.93 -33.74 -26.52
N LEU C 180 -16.13 -34.72 -26.04
CA LEU C 180 -15.86 -34.91 -24.62
C LEU C 180 -14.38 -34.70 -24.22
N SER C 181 -14.11 -33.87 -23.19
CA SER C 181 -12.74 -33.64 -22.73
C SER C 181 -12.57 -33.87 -21.22
N THR C 182 -11.97 -35.02 -20.83
CA THR C 182 -11.80 -35.30 -19.41
C THR C 182 -10.35 -35.21 -18.92
N LEU C 183 -10.10 -34.22 -18.04
CA LEU C 183 -8.83 -33.93 -17.39
C LEU C 183 -7.76 -33.63 -18.42
N CYS C 184 -7.96 -32.59 -19.24
CA CYS C 184 -7.00 -32.29 -20.31
C CYS C 184 -6.70 -30.80 -20.45
N LEU C 185 -7.73 -29.97 -20.54
CA LEU C 185 -7.58 -28.55 -20.79
C LEU C 185 -6.79 -27.76 -19.74
N ASP C 186 -6.89 -28.11 -18.46
CA ASP C 186 -6.14 -27.38 -17.43
C ASP C 186 -4.61 -27.59 -17.64
N ALA C 187 -4.19 -28.82 -18.01
CA ALA C 187 -2.78 -29.18 -18.20
C ALA C 187 -2.18 -28.78 -19.57
N ALA C 188 -3.04 -28.59 -20.57
CA ALA C 188 -2.62 -28.21 -21.90
C ALA C 188 -2.56 -26.68 -22.09
N CYS C 189 -3.37 -25.95 -21.35
CA CYS C 189 -3.52 -24.50 -21.53
C CYS C 189 -2.79 -23.64 -20.47
N PRO C 190 -1.67 -22.99 -20.86
CA PRO C 190 -0.91 -22.20 -19.90
C PRO C 190 -1.56 -20.95 -19.35
N ASP C 191 -2.53 -20.36 -20.07
CA ASP C 191 -3.23 -19.17 -19.57
C ASP C 191 -4.72 -19.23 -19.90
N LEU C 192 -5.52 -18.24 -19.42
CA LEU C 192 -6.94 -18.21 -19.75
C LEU C 192 -7.18 -18.10 -21.25
N PRO C 193 -6.51 -17.18 -22.00
CA PRO C 193 -6.74 -17.12 -23.47
C PRO C 193 -6.43 -18.42 -24.20
N THR C 194 -5.41 -19.20 -23.76
CA THR C 194 -5.15 -20.49 -24.40
C THR C 194 -6.36 -21.45 -24.24
N TYR C 195 -6.89 -21.62 -23.02
CA TYR C 195 -8.09 -22.41 -22.69
C TYR C 195 -9.25 -22.02 -23.59
N CYS C 196 -9.55 -20.71 -23.69
CA CYS C 196 -10.62 -20.21 -24.51
C CYS C 196 -10.38 -20.53 -25.98
N ARG C 197 -9.17 -20.22 -26.52
CA ARG C 197 -8.78 -20.55 -27.89
C ARG C 197 -8.95 -22.06 -28.16
N ALA C 198 -8.63 -22.90 -27.17
CA ALA C 198 -8.72 -24.37 -27.23
C ALA C 198 -10.15 -24.83 -27.32
N LEU C 199 -11.06 -24.17 -26.60
CA LEU C 199 -12.50 -24.47 -26.67
C LEU C 199 -13.07 -24.11 -28.07
N ARG C 200 -12.52 -23.06 -28.67
CA ARG C 200 -12.87 -22.57 -29.98
C ARG C 200 -12.45 -23.65 -30.99
N ASN C 201 -11.22 -24.19 -30.85
CA ASN C 201 -10.66 -25.24 -31.69
C ASN C 201 -11.48 -26.49 -31.69
N LEU C 202 -11.88 -26.97 -30.48
CA LEU C 202 -12.77 -28.11 -30.27
C LEU C 202 -14.06 -27.98 -31.10
N GLY C 203 -14.58 -26.75 -31.17
CA GLY C 203 -15.81 -26.40 -31.87
C GLY C 203 -15.76 -26.67 -33.34
N SER C 204 -14.58 -26.55 -33.96
CA SER C 204 -14.44 -26.84 -35.39
C SER C 204 -14.86 -28.27 -35.74
N LEU C 205 -14.77 -29.20 -34.78
CA LEU C 205 -15.16 -30.59 -34.97
C LEU C 205 -16.68 -30.83 -34.73
N LEU C 206 -17.31 -29.93 -33.97
CA LEU C 206 -18.71 -29.98 -33.54
C LEU C 206 -19.74 -29.53 -34.56
N LYS C 207 -20.90 -30.21 -34.62
CA LYS C 207 -22.06 -29.84 -35.42
C LYS C 207 -22.60 -28.50 -34.88
N PRO C 208 -23.26 -27.66 -35.72
CA PRO C 208 -23.89 -26.45 -35.18
C PRO C 208 -25.04 -26.93 -34.28
N GLY C 209 -25.02 -26.56 -33.01
CA GLY C 209 -26.01 -27.04 -32.06
C GLY C 209 -25.78 -28.48 -31.65
N GLY C 210 -24.54 -28.77 -31.21
CA GLY C 210 -24.10 -30.08 -30.74
C GLY C 210 -23.48 -29.98 -29.36
N PHE C 211 -23.38 -31.10 -28.64
CA PHE C 211 -22.88 -31.12 -27.26
C PHE C 211 -21.37 -31.01 -27.08
N LEU C 212 -20.98 -30.28 -26.04
CA LEU C 212 -19.60 -30.14 -25.58
C LEU C 212 -19.68 -30.54 -24.12
N VAL C 213 -19.03 -31.63 -23.75
CA VAL C 213 -19.05 -32.13 -22.38
C VAL C 213 -17.64 -32.06 -21.79
N ILE C 214 -17.39 -31.13 -20.87
CA ILE C 214 -16.05 -30.97 -20.26
C ILE C 214 -16.00 -31.23 -18.75
N MET C 215 -14.99 -31.98 -18.32
CA MET C 215 -14.72 -32.24 -16.89
C MET C 215 -13.25 -31.95 -16.61
N ASP C 216 -12.93 -31.18 -15.57
CA ASP C 216 -11.55 -30.84 -15.25
C ASP C 216 -11.36 -30.36 -13.79
N ALA C 217 -10.11 -30.12 -13.37
CA ALA C 217 -9.84 -29.66 -12.02
C ALA C 217 -10.15 -28.17 -11.85
N LEU C 218 -10.38 -27.73 -10.62
CA LEU C 218 -10.61 -26.32 -10.33
C LEU C 218 -9.48 -25.81 -9.47
N LYS C 219 -8.98 -24.60 -9.75
CA LYS C 219 -7.94 -23.97 -8.98
C LYS C 219 -6.70 -24.87 -8.73
N SER C 220 -6.46 -25.81 -9.64
CA SER C 220 -5.30 -26.67 -9.54
C SER C 220 -4.19 -25.98 -10.31
N SER C 221 -3.06 -25.67 -9.64
CA SER C 221 -1.86 -25.09 -10.28
C SER C 221 -0.80 -26.18 -10.60
N TYR C 222 -0.83 -27.32 -9.88
CA TYR C 222 0.10 -28.44 -10.13
C TYR C 222 -0.58 -29.79 -9.83
N TYR C 223 0.03 -30.86 -10.33
CA TYR C 223 -0.30 -32.26 -10.06
C TYR C 223 0.97 -33.11 -10.21
N MET C 224 1.08 -34.21 -9.44
CA MET C 224 2.28 -35.03 -9.47
C MET C 224 2.01 -36.45 -9.92
N ILE C 225 3.03 -37.10 -10.51
CA ILE C 225 3.06 -38.53 -10.80
C ILE C 225 4.27 -39.11 -10.02
N GLY C 226 4.35 -38.74 -8.75
CA GLY C 226 5.45 -39.14 -7.89
C GLY C 226 6.40 -37.98 -7.72
N GLU C 227 7.60 -38.13 -8.27
CA GLU C 227 8.62 -37.10 -8.16
C GLU C 227 8.35 -35.99 -9.17
N GLN C 228 7.94 -36.37 -10.40
CA GLN C 228 7.67 -35.42 -11.48
C GLN C 228 6.45 -34.55 -11.19
N LYS C 229 6.61 -33.23 -11.35
CA LYS C 229 5.52 -32.27 -11.13
C LYS C 229 5.12 -31.71 -12.47
N PHE C 230 3.81 -31.66 -12.76
CA PHE C 230 3.27 -31.14 -14.02
C PHE C 230 2.36 -29.93 -13.82
N SER C 231 2.44 -28.95 -14.70
CA SER C 231 1.64 -27.72 -14.59
C SER C 231 0.17 -27.89 -14.95
N SER C 232 -0.66 -27.05 -14.30
CA SER C 232 -2.11 -26.97 -14.47
C SER C 232 -2.56 -25.49 -14.33
N LEU C 233 -3.58 -25.07 -15.08
CA LEU C 233 -4.16 -23.73 -15.04
C LEU C 233 -5.15 -23.66 -13.87
N PRO C 234 -4.90 -22.75 -12.90
CA PRO C 234 -5.75 -22.72 -11.71
C PRO C 234 -6.97 -21.81 -11.83
N LEU C 235 -7.85 -22.12 -12.76
CA LEU C 235 -9.05 -21.32 -12.95
C LEU C 235 -10.17 -21.69 -11.95
N GLY C 236 -11.07 -20.75 -11.73
CA GLY C 236 -12.26 -20.93 -10.92
C GLY C 236 -13.50 -21.02 -11.82
N ARG C 237 -14.66 -21.31 -11.20
CA ARG C 237 -15.93 -21.45 -11.91
C ARG C 237 -16.22 -20.36 -12.95
N GLU C 238 -16.14 -19.09 -12.54
CA GLU C 238 -16.38 -17.92 -13.39
C GLU C 238 -15.45 -17.87 -14.62
N ALA C 239 -14.16 -18.19 -14.42
CA ALA C 239 -13.19 -18.20 -15.52
C ALA C 239 -13.52 -19.28 -16.52
N VAL C 240 -13.97 -20.46 -16.07
CA VAL C 240 -14.35 -21.52 -17.00
C VAL C 240 -15.60 -21.08 -17.78
N GLU C 241 -16.61 -20.56 -17.06
CA GLU C 241 -17.87 -20.08 -17.65
C GLU C 241 -17.59 -19.05 -18.76
N ALA C 242 -16.71 -18.05 -18.49
CA ALA C 242 -16.31 -17.01 -19.42
C ALA C 242 -15.56 -17.55 -20.61
N ALA C 243 -14.66 -18.54 -20.41
CA ALA C 243 -13.94 -19.11 -21.53
C ALA C 243 -14.92 -19.88 -22.45
N VAL C 244 -15.85 -20.62 -21.87
CA VAL C 244 -16.83 -21.40 -22.64
C VAL C 244 -17.79 -20.52 -23.42
N LYS C 245 -18.38 -19.51 -22.76
CA LYS C 245 -19.28 -18.56 -23.43
C LYS C 245 -18.52 -17.81 -24.54
N GLU C 246 -17.26 -17.47 -24.30
CA GLU C 246 -16.40 -16.75 -25.23
C GLU C 246 -16.15 -17.52 -26.52
N ALA C 247 -15.92 -18.83 -26.42
CA ALA C 247 -15.69 -19.66 -27.60
C ALA C 247 -16.98 -20.00 -28.36
N GLY C 248 -18.04 -19.22 -28.15
CA GLY C 248 -19.33 -19.39 -28.82
C GLY C 248 -20.29 -20.46 -28.33
N TYR C 249 -20.25 -20.86 -27.03
CA TYR C 249 -21.15 -21.91 -26.53
C TYR C 249 -22.24 -21.39 -25.59
N THR C 250 -23.36 -22.14 -25.51
CA THR C 250 -24.45 -21.83 -24.59
C THR C 250 -24.45 -22.88 -23.48
N ILE C 251 -24.20 -22.48 -22.22
CA ILE C 251 -24.14 -23.45 -21.12
C ILE C 251 -25.53 -23.80 -20.60
N GLU C 252 -25.78 -25.08 -20.45
CA GLU C 252 -27.07 -25.54 -19.98
C GLU C 252 -26.95 -26.44 -18.73
N TRP C 253 -25.74 -26.67 -18.17
CA TRP C 253 -25.53 -27.64 -17.10
C TRP C 253 -24.13 -27.45 -16.50
N PHE C 254 -23.98 -26.93 -15.28
CA PHE C 254 -22.64 -26.71 -14.69
C PHE C 254 -22.67 -27.17 -13.26
N GLU C 255 -21.94 -28.24 -12.92
CA GLU C 255 -21.94 -28.76 -11.55
C GLU C 255 -20.55 -28.82 -10.94
N VAL C 256 -20.28 -27.97 -9.97
CA VAL C 256 -19.01 -27.94 -9.27
C VAL C 256 -19.03 -28.92 -8.09
N ILE C 257 -18.09 -29.87 -8.00
CA ILE C 257 -18.00 -30.74 -6.82
C ILE C 257 -16.77 -30.31 -5.99
N SER C 258 -16.89 -30.31 -4.66
CA SER C 258 -15.78 -29.85 -3.82
C SER C 258 -14.86 -30.97 -3.33
N GLN C 259 -15.04 -32.22 -3.82
CA GLN C 259 -14.12 -33.33 -3.51
C GLN C 259 -12.81 -33.08 -4.25
N SER C 260 -11.74 -32.88 -3.49
CA SER C 260 -10.43 -32.54 -4.05
C SER C 260 -9.43 -33.70 -3.93
N TYR C 261 -8.37 -33.69 -4.77
CA TYR C 261 -7.36 -34.76 -4.76
C TYR C 261 -6.56 -34.74 -3.45
N SER C 262 -5.97 -35.88 -3.09
CA SER C 262 -5.18 -35.98 -1.84
C SER C 262 -4.05 -34.96 -1.77
N SER C 263 -3.61 -34.63 -0.54
CA SER C 263 -2.55 -33.64 -0.27
C SER C 263 -1.35 -33.67 -1.23
N THR C 264 -0.68 -34.83 -1.36
CA THR C 264 0.50 -34.91 -2.22
C THR C 264 0.19 -34.94 -3.71
N MET C 265 -1.06 -35.18 -4.10
CA MET C 265 -1.38 -35.27 -5.52
C MET C 265 -1.58 -33.88 -6.20
N ALA C 266 -2.58 -33.08 -5.77
CA ALA C 266 -2.79 -31.76 -6.40
C ALA C 266 -3.31 -30.71 -5.44
N ASN C 267 -3.12 -29.42 -5.79
CA ASN C 267 -3.68 -28.33 -4.99
C ASN C 267 -4.99 -27.83 -5.60
N ASN C 268 -5.82 -28.75 -6.11
CA ASN C 268 -7.12 -28.38 -6.67
C ASN C 268 -8.12 -28.14 -5.57
N GLU C 269 -8.96 -27.12 -5.75
CA GLU C 269 -10.03 -26.79 -4.81
C GLU C 269 -11.38 -27.30 -5.42
N GLY C 270 -11.46 -28.59 -5.68
CA GLY C 270 -12.64 -29.19 -6.27
C GLY C 270 -12.46 -29.66 -7.69
N LEU C 271 -13.55 -30.00 -8.34
CA LEU C 271 -13.58 -30.45 -9.73
C LEU C 271 -14.81 -29.88 -10.42
N PHE C 272 -14.89 -29.92 -11.76
CA PHE C 272 -16.09 -29.39 -12.45
C PHE C 272 -16.56 -30.27 -13.61
N SER C 273 -17.87 -30.28 -13.82
CA SER C 273 -18.51 -30.95 -14.94
C SER C 273 -19.42 -29.93 -15.59
N LEU C 274 -19.35 -29.77 -16.91
CA LEU C 274 -20.25 -28.87 -17.61
C LEU C 274 -20.69 -29.47 -18.94
N VAL C 275 -21.92 -29.19 -19.34
CA VAL C 275 -22.45 -29.66 -20.62
C VAL C 275 -22.98 -28.44 -21.36
N ALA C 276 -22.17 -27.92 -22.30
CA ALA C 276 -22.50 -26.75 -23.12
C ALA C 276 -22.93 -27.17 -24.53
N ARG C 277 -23.73 -26.34 -25.18
CA ARG C 277 -24.21 -26.61 -26.52
C ARG C 277 -23.54 -25.66 -27.51
N LYS C 278 -23.43 -26.03 -28.80
CA LYS C 278 -22.78 -25.14 -29.76
C LYS C 278 -23.73 -24.06 -30.27
N LEU C 279 -23.20 -22.86 -30.59
CA LEU C 279 -24.04 -21.78 -31.10
C LEU C 279 -23.72 -21.44 -32.58
N PHE D 24 -4.99 22.65 16.63
CA PHE D 24 -4.24 23.87 16.33
C PHE D 24 -5.11 25.15 16.48
N THR D 25 -4.48 26.33 16.69
CA THR D 25 -5.16 27.61 16.84
C THR D 25 -5.67 28.13 15.50
N SER D 26 -6.98 28.42 15.40
CA SER D 26 -7.55 28.92 14.15
C SER D 26 -7.09 30.33 13.91
N LYS D 27 -6.66 30.66 12.69
CA LYS D 27 -6.11 31.97 12.33
C LYS D 27 -6.99 33.14 12.67
N ASP D 28 -8.30 32.92 12.65
CA ASP D 28 -9.31 33.92 12.98
C ASP D 28 -9.25 34.33 14.46
N THR D 29 -8.62 33.52 15.32
CA THR D 29 -8.38 33.82 16.74
C THR D 29 -7.46 35.04 16.84
N TYR D 30 -6.51 35.20 15.89
CA TYR D 30 -5.65 36.37 15.81
C TYR D 30 -6.44 37.62 15.35
N LEU D 31 -7.75 37.63 15.55
CA LEU D 31 -8.65 38.71 15.24
C LEU D 31 -9.66 38.78 16.40
N SER D 32 -10.31 37.66 16.72
CA SER D 32 -11.26 37.65 17.81
C SER D 32 -10.57 37.70 19.20
N HIS D 33 -9.92 36.60 19.65
CA HIS D 33 -9.29 36.59 20.98
C HIS D 33 -7.77 36.73 20.93
N PHE D 34 -7.27 37.95 20.61
CA PHE D 34 -5.83 38.23 20.53
C PHE D 34 -5.52 39.73 20.77
N ASN D 35 -4.52 40.03 21.61
CA ASN D 35 -4.15 41.42 21.89
C ASN D 35 -2.68 41.67 21.58
N PRO D 36 -2.39 42.34 20.45
CA PRO D 36 -0.99 42.58 20.08
C PRO D 36 -0.18 43.40 21.09
N ARG D 37 -0.76 44.47 21.69
CA ARG D 37 0.01 45.26 22.67
C ARG D 37 0.34 44.48 23.93
N ASP D 38 -0.43 43.44 24.25
CA ASP D 38 -0.12 42.57 25.37
C ASP D 38 1.13 41.68 25.06
N TYR D 39 1.32 41.31 23.77
CA TYR D 39 2.38 40.48 23.22
C TYR D 39 3.70 41.24 23.16
N LEU D 40 3.67 42.49 22.66
CA LEU D 40 4.83 43.36 22.59
C LEU D 40 5.42 43.60 24.00
N GLU D 41 4.54 43.72 25.01
CA GLU D 41 4.91 43.93 26.40
C GLU D 41 5.66 42.73 27.03
N LYS D 42 5.43 41.52 26.53
CA LYS D 42 6.06 40.33 27.10
C LYS D 42 7.32 39.86 26.36
N TYR D 43 7.24 39.76 25.03
CA TYR D 43 8.36 39.28 24.23
C TYR D 43 9.31 40.36 23.76
N TYR D 44 8.86 41.64 23.75
CA TYR D 44 9.70 42.71 23.24
C TYR D 44 9.91 43.84 24.26
N LYS D 45 9.94 43.48 25.55
CA LYS D 45 10.19 44.45 26.62
C LYS D 45 11.66 44.86 26.70
N PHE D 46 12.59 43.97 26.28
CA PHE D 46 14.05 44.19 26.30
C PHE D 46 14.59 44.41 27.72
N SER D 51 17.03 37.88 30.19
CA SER D 51 15.90 37.04 29.86
C SER D 51 16.04 36.46 28.47
N ALA D 52 15.50 35.25 28.26
CA ALA D 52 15.56 34.58 26.97
C ALA D 52 14.86 35.37 25.85
N GLU D 53 13.86 36.17 26.20
CA GLU D 53 13.13 36.96 25.21
C GLU D 53 13.99 38.06 24.61
N SER D 54 14.84 38.66 25.43
CA SER D 54 15.74 39.71 24.95
C SER D 54 16.85 39.07 24.12
N GLN D 55 17.39 37.91 24.58
CA GLN D 55 18.47 37.19 23.92
C GLN D 55 18.09 36.70 22.56
N ILE D 56 16.86 36.20 22.40
CA ILE D 56 16.39 35.73 21.09
C ILE D 56 16.31 36.90 20.12
N LEU D 57 15.66 37.98 20.53
CA LEU D 57 15.59 39.21 19.74
C LEU D 57 17.01 39.71 19.35
N LYS D 58 17.97 39.77 20.31
CA LYS D 58 19.35 40.20 20.03
C LYS D 58 20.03 39.32 18.98
N HIS D 59 19.85 38.00 19.04
CA HIS D 59 20.42 37.13 18.03
C HIS D 59 19.75 37.31 16.67
N LEU D 60 18.41 37.49 16.64
CA LEU D 60 17.67 37.75 15.40
C LEU D 60 18.25 39.02 14.72
N LEU D 61 18.30 40.14 15.45
CA LEU D 61 18.88 41.40 14.97
C LEU D 61 20.33 41.21 14.43
N LYS D 62 21.13 40.38 15.10
CA LYS D 62 22.50 40.10 14.66
C LYS D 62 22.52 39.39 13.30
N ASN D 63 21.59 38.43 13.05
CA ASN D 63 21.55 37.78 11.73
C ASN D 63 20.90 38.66 10.70
N LEU D 64 19.90 39.47 11.10
CA LEU D 64 19.25 40.39 10.19
C LEU D 64 20.28 41.45 9.69
N PHE D 65 21.22 41.85 10.56
CA PHE D 65 22.30 42.76 10.23
C PHE D 65 23.34 42.06 9.34
N LYS D 66 23.62 40.78 9.55
CA LYS D 66 24.57 40.02 8.69
C LYS D 66 23.95 39.74 7.33
N ILE D 67 22.68 39.40 7.28
CA ILE D 67 21.97 39.11 6.04
C ILE D 67 21.85 40.36 5.17
N PHE D 68 21.23 41.44 5.68
CA PHE D 68 21.02 42.64 4.89
C PHE D 68 22.20 43.60 4.80
N CYS D 69 23.14 43.61 5.78
CA CYS D 69 24.24 44.58 5.73
C CYS D 69 25.61 43.98 5.44
N LEU D 70 25.99 42.92 6.16
CA LEU D 70 27.29 42.30 5.95
C LEU D 70 27.33 41.63 4.59
N ASP D 71 26.32 40.79 4.31
CA ASP D 71 26.11 40.13 3.03
C ASP D 71 25.48 41.14 1.98
N GLY D 72 25.30 40.69 0.74
CA GLY D 72 24.74 41.54 -0.29
C GLY D 72 23.26 41.36 -0.60
N VAL D 73 22.41 41.10 0.43
CA VAL D 73 20.96 40.97 0.23
C VAL D 73 20.36 42.38 0.14
N LYS D 74 20.45 42.98 -1.06
CA LYS D 74 19.95 44.31 -1.37
C LYS D 74 18.88 44.23 -2.47
N GLY D 75 18.27 45.36 -2.81
CA GLY D 75 17.29 45.38 -3.88
C GLY D 75 16.43 46.62 -3.91
N ASP D 76 15.33 46.51 -4.61
CA ASP D 76 14.37 47.59 -4.70
C ASP D 76 13.13 47.27 -3.91
N LEU D 77 12.72 45.99 -3.84
CA LEU D 77 11.52 45.64 -3.06
C LEU D 77 11.70 44.49 -2.09
N LEU D 78 11.17 44.66 -0.85
CA LEU D 78 11.15 43.63 0.20
C LEU D 78 9.72 43.47 0.77
N ILE D 79 9.19 42.24 0.74
CA ILE D 79 7.86 42.00 1.31
C ILE D 79 7.97 41.28 2.65
N ASP D 80 7.51 41.95 3.72
CA ASP D 80 7.48 41.45 5.08
C ASP D 80 6.17 40.69 5.26
N ILE D 81 6.25 39.37 5.32
CA ILE D 81 5.06 38.54 5.41
C ILE D 81 4.79 38.09 6.85
N GLY D 82 3.58 38.38 7.34
CA GLY D 82 3.20 38.03 8.70
C GLY D 82 4.02 38.82 9.69
N SER D 83 4.16 40.12 9.40
CA SER D 83 4.96 41.09 10.12
C SER D 83 4.72 41.11 11.61
N GLY D 84 3.45 40.92 11.99
CA GLY D 84 2.99 41.00 13.36
C GLY D 84 2.83 42.45 13.77
N PRO D 85 2.90 42.74 15.07
CA PRO D 85 2.85 44.15 15.52
C PRO D 85 4.25 44.77 15.63
N THR D 86 5.31 44.01 15.24
CA THR D 86 6.72 44.36 15.32
C THR D 86 7.34 44.97 14.07
N ILE D 87 8.35 45.80 14.30
CA ILE D 87 9.15 46.47 13.27
C ILE D 87 10.64 46.10 13.36
N TYR D 88 11.07 45.41 14.46
CA TYR D 88 12.45 44.99 14.70
C TYR D 88 13.11 44.36 13.50
N GLN D 89 12.32 43.67 12.67
CA GLN D 89 12.86 42.94 11.53
C GLN D 89 13.11 43.78 10.31
N LEU D 90 12.96 45.12 10.41
CA LEU D 90 13.12 45.99 9.25
C LEU D 90 14.15 47.11 9.36
N LEU D 91 14.83 47.25 10.51
CA LEU D 91 15.83 48.29 10.72
C LEU D 91 17.08 48.07 9.82
N SER D 92 17.62 46.84 9.78
CA SER D 92 18.74 46.52 8.90
C SER D 92 18.20 46.39 7.47
N ALA D 93 17.02 45.79 7.30
CA ALA D 93 16.37 45.63 6.00
C ALA D 93 16.01 46.95 5.29
N CYS D 94 16.00 48.11 5.99
CA CYS D 94 15.66 49.40 5.36
C CYS D 94 16.88 50.13 4.72
N GLU D 95 18.08 49.64 5.00
CA GLU D 95 19.33 50.16 4.44
C GLU D 95 19.68 49.48 3.11
N SER D 96 19.12 48.27 2.82
CA SER D 96 19.40 47.49 1.61
C SER D 96 18.35 47.50 0.52
N PHE D 97 17.08 47.77 0.84
CA PHE D 97 16.00 47.82 -0.16
C PHE D 97 15.40 49.22 -0.30
N LYS D 98 14.93 49.59 -1.50
CA LYS D 98 14.33 50.91 -1.78
C LYS D 98 12.93 51.12 -1.17
N GLU D 99 12.05 50.11 -1.29
CA GLU D 99 10.67 50.14 -0.80
C GLU D 99 10.37 48.84 -0.01
N ILE D 100 9.55 48.93 1.05
CA ILE D 100 9.18 47.76 1.86
C ILE D 100 7.67 47.66 2.08
N VAL D 101 7.08 46.49 1.81
CA VAL D 101 5.65 46.28 2.05
C VAL D 101 5.51 45.43 3.33
N VAL D 102 4.79 45.92 4.36
CA VAL D 102 4.60 45.17 5.61
C VAL D 102 3.16 44.65 5.67
N THR D 103 3.00 43.35 5.86
CA THR D 103 1.68 42.73 5.80
C THR D 103 1.42 41.80 6.96
N ASP D 104 0.16 41.66 7.35
CA ASP D 104 -0.27 40.72 8.39
C ASP D 104 -1.74 40.38 8.28
N TYR D 105 -2.12 39.16 8.71
CA TYR D 105 -3.49 38.66 8.71
C TYR D 105 -4.33 39.33 9.81
N SER D 106 -3.71 39.72 10.93
CA SER D 106 -4.44 40.38 12.01
C SER D 106 -4.53 41.84 11.69
N ASP D 107 -5.75 42.37 11.55
CA ASP D 107 -5.93 43.80 11.31
C ASP D 107 -5.51 44.62 12.54
N GLN D 108 -5.56 44.00 13.74
CA GLN D 108 -5.08 44.59 15.00
C GLN D 108 -3.56 44.76 14.97
N ASN D 109 -2.83 43.87 14.27
CA ASN D 109 -1.39 43.96 14.10
C ASN D 109 -1.08 45.10 13.14
N LEU D 110 -1.87 45.25 12.05
CA LEU D 110 -1.71 46.38 11.12
C LEU D 110 -2.01 47.72 11.81
N GLN D 111 -2.93 47.70 12.80
CA GLN D 111 -3.29 48.84 13.63
C GLN D 111 -2.07 49.24 14.45
N GLU D 112 -1.37 48.27 15.03
CA GLU D 112 -0.17 48.49 15.83
C GLU D 112 1.01 48.96 14.97
N LEU D 113 1.12 48.42 13.75
CA LEU D 113 2.15 48.82 12.78
C LEU D 113 1.89 50.22 12.22
N GLU D 114 0.65 50.73 12.31
CA GLU D 114 0.30 52.05 11.82
C GLU D 114 0.59 53.09 12.89
N LYS D 115 0.25 52.79 14.16
CA LYS D 115 0.53 53.69 15.27
C LYS D 115 2.01 54.04 15.37
N TRP D 116 2.90 53.08 15.07
CA TRP D 116 4.34 53.31 15.12
C TRP D 116 4.84 54.01 13.87
N LEU D 117 4.31 53.65 12.70
CA LEU D 117 4.74 54.24 11.43
C LEU D 117 4.38 55.73 11.29
N LYS D 118 3.29 56.19 11.92
CA LYS D 118 2.96 57.62 11.90
C LYS D 118 3.30 58.34 13.25
N ALA D 119 4.20 57.74 14.05
CA ALA D 119 4.76 58.20 15.31
C ALA D 119 3.75 58.78 16.35
N ALA D 120 2.75 57.98 16.75
CA ALA D 120 1.83 58.35 17.81
C ALA D 120 2.56 58.14 19.15
N PRO D 121 2.20 58.84 20.24
CA PRO D 121 2.93 58.67 21.51
C PRO D 121 2.68 57.34 22.19
N ALA D 122 1.51 56.69 21.93
CA ALA D 122 1.23 55.39 22.57
C ALA D 122 1.81 54.20 21.80
N ALA D 123 2.49 54.45 20.66
CA ALA D 123 3.12 53.40 19.86
C ALA D 123 4.22 52.75 20.69
N PHE D 124 4.53 51.50 20.37
CA PHE D 124 5.49 50.74 21.12
C PHE D 124 6.88 51.39 21.22
N ASP D 125 7.50 51.29 22.42
CA ASP D 125 8.83 51.83 22.61
C ASP D 125 9.83 50.88 22.01
N TRP D 126 10.20 51.12 20.74
CA TRP D 126 11.21 50.28 20.09
C TRP D 126 12.64 50.86 20.24
N SER D 127 12.81 51.94 21.05
CA SER D 127 14.06 52.67 21.33
C SER D 127 15.27 51.75 21.74
N PRO D 128 15.16 50.81 22.72
CA PRO D 128 16.32 49.95 23.02
C PRO D 128 16.68 49.02 21.83
N VAL D 129 15.69 48.67 21.00
CA VAL D 129 15.92 47.82 19.84
C VAL D 129 16.50 48.65 18.69
N VAL D 130 16.04 49.92 18.53
CA VAL D 130 16.55 50.81 17.49
C VAL D 130 18.01 51.12 17.80
N THR D 131 18.30 51.49 19.05
CA THR D 131 19.66 51.76 19.52
C THR D 131 20.58 50.55 19.35
N TYR D 132 20.05 49.32 19.47
CA TYR D 132 20.84 48.11 19.31
C TYR D 132 21.29 47.90 17.88
N VAL D 133 20.39 48.13 16.93
CA VAL D 133 20.73 48.01 15.50
C VAL D 133 21.68 49.14 15.09
N CYS D 134 21.48 50.34 15.65
CA CYS D 134 22.36 51.50 15.47
C CYS D 134 23.76 51.15 15.97
N ASP D 135 23.86 50.47 17.10
CA ASP D 135 25.13 50.02 17.65
C ASP D 135 25.80 49.02 16.71
N LEU D 136 25.03 48.00 16.22
CA LEU D 136 25.54 46.97 15.32
C LEU D 136 26.17 47.58 14.07
N GLU D 137 25.50 48.60 13.50
CA GLU D 137 25.94 49.30 12.30
C GLU D 137 27.03 50.33 12.57
N GLY D 138 27.91 50.02 13.51
CA GLY D 138 29.04 50.85 13.88
C GLY D 138 28.70 52.27 14.25
N ASN D 139 27.51 52.49 14.80
CA ASN D 139 27.05 53.81 15.25
C ASN D 139 27.23 54.92 14.20
N ARG D 140 26.90 54.61 12.94
CA ARG D 140 27.00 55.60 11.87
C ARG D 140 25.71 56.46 11.94
N VAL D 141 24.55 55.79 11.86
CA VAL D 141 23.25 56.45 11.96
C VAL D 141 22.93 56.80 13.43
N LYS D 142 21.93 57.65 13.64
CA LYS D 142 21.47 58.01 14.98
C LYS D 142 20.08 57.38 15.20
N GLY D 143 19.70 57.20 16.46
CA GLY D 143 18.41 56.62 16.85
C GLY D 143 17.22 57.02 15.99
N PRO D 144 16.67 58.24 16.18
CA PRO D 144 15.52 58.65 15.36
C PRO D 144 15.81 58.86 13.88
N GLU D 145 17.08 58.84 13.47
CA GLU D 145 17.47 58.95 12.06
C GLU D 145 17.30 57.57 11.38
N LYS D 146 17.50 56.46 12.13
CA LYS D 146 17.28 55.09 11.69
C LYS D 146 15.75 54.87 11.58
N GLU D 147 14.98 55.37 12.58
CA GLU D 147 13.52 55.34 12.64
C GLU D 147 12.89 56.14 11.49
N GLU D 148 13.58 57.20 11.02
CA GLU D 148 13.12 58.02 9.90
C GLU D 148 13.35 57.29 8.59
N LYS D 149 14.51 56.65 8.43
CA LYS D 149 14.78 55.87 7.22
C LYS D 149 13.82 54.69 7.12
N LEU D 150 13.38 54.13 8.26
CA LEU D 150 12.43 53.02 8.25
C LEU D 150 11.07 53.51 7.87
N ARG D 151 10.60 54.58 8.51
CA ARG D 151 9.30 55.16 8.19
C ARG D 151 9.22 55.58 6.71
N GLN D 152 10.31 56.14 6.18
CA GLN D 152 10.45 56.58 4.79
C GLN D 152 10.48 55.40 3.79
N ALA D 153 10.89 54.19 4.23
CA ALA D 153 10.97 53.03 3.33
C ALA D 153 9.66 52.24 3.27
N VAL D 154 8.91 52.17 4.40
CA VAL D 154 7.65 51.44 4.44
C VAL D 154 6.67 52.19 3.60
N LYS D 155 6.23 51.59 2.49
CA LYS D 155 5.31 52.24 1.57
C LYS D 155 3.89 51.81 1.86
N GLN D 156 3.64 50.50 1.91
CA GLN D 156 2.30 49.97 2.16
C GLN D 156 2.20 49.09 3.39
N VAL D 157 1.01 49.09 4.01
CA VAL D 157 0.67 48.20 5.13
C VAL D 157 -0.58 47.42 4.69
N LEU D 158 -0.38 46.40 3.83
CA LEU D 158 -1.44 45.58 3.25
C LEU D 158 -1.89 44.40 4.15
N LYS D 159 -2.98 43.69 3.80
CA LYS D 159 -3.40 42.49 4.54
C LYS D 159 -2.65 41.24 3.97
N CYS D 160 -2.63 40.12 4.71
CA CYS D 160 -1.82 38.95 4.38
C CYS D 160 -2.50 37.60 4.68
N ASP D 161 -2.28 36.59 3.83
CA ASP D 161 -2.79 35.24 4.06
C ASP D 161 -1.87 34.21 3.40
N VAL D 162 -0.77 33.81 4.10
CA VAL D 162 0.22 32.85 3.58
C VAL D 162 -0.39 31.56 3.11
N THR D 163 -1.45 31.13 3.78
CA THR D 163 -2.16 29.88 3.51
C THR D 163 -2.86 29.93 2.12
N GLN D 164 -3.29 31.11 1.69
CA GLN D 164 -3.95 31.35 0.39
C GLN D 164 -2.97 31.49 -0.76
N SER D 165 -3.37 31.04 -1.97
CA SER D 165 -2.59 31.07 -3.21
C SER D 165 -2.04 32.45 -3.55
N GLN D 166 -2.80 33.52 -3.24
CA GLN D 166 -2.37 34.91 -3.40
C GLN D 166 -2.55 35.59 -2.03
N PRO D 167 -1.46 35.68 -1.23
CA PRO D 167 -1.59 36.22 0.13
C PRO D 167 -2.09 37.66 0.23
N LEU D 168 -1.56 38.54 -0.59
CA LEU D 168 -1.97 39.94 -0.59
C LEU D 168 -3.27 40.20 -1.41
N GLY D 169 -3.82 39.17 -2.04
CA GLY D 169 -5.06 39.24 -2.81
C GLY D 169 -4.89 39.57 -4.27
N ALA D 170 -5.78 40.45 -4.79
CA ALA D 170 -5.68 40.89 -6.17
C ALA D 170 -4.88 42.23 -6.32
N VAL D 171 -4.18 42.67 -5.23
CA VAL D 171 -3.37 43.89 -5.16
C VAL D 171 -2.16 43.81 -6.11
N PRO D 172 -2.03 44.78 -7.03
CA PRO D 172 -0.91 44.74 -7.99
C PRO D 172 0.45 45.24 -7.47
N LEU D 173 1.28 44.30 -7.01
CA LEU D 173 2.63 44.61 -6.54
C LEU D 173 3.63 44.04 -7.55
N PRO D 174 4.80 44.69 -7.71
CA PRO D 174 5.81 44.16 -8.64
C PRO D 174 6.62 43.01 -8.02
N PRO D 175 7.21 42.10 -8.84
CA PRO D 175 8.00 41.00 -8.27
C PRO D 175 9.10 41.51 -7.33
N ALA D 176 9.02 41.14 -6.06
CA ALA D 176 9.95 41.57 -5.04
C ALA D 176 11.35 40.95 -5.20
N ASP D 177 12.37 41.61 -4.63
CA ASP D 177 13.72 41.07 -4.67
C ASP D 177 13.95 40.10 -3.48
N CYS D 178 13.22 40.28 -2.36
CA CYS D 178 13.33 39.42 -1.19
C CYS D 178 12.03 39.36 -0.46
N VAL D 179 11.58 38.15 -0.13
CA VAL D 179 10.42 37.98 0.72
C VAL D 179 10.99 37.67 2.12
N LEU D 180 10.74 38.53 3.10
CA LEU D 180 11.22 38.33 4.47
C LEU D 180 10.03 37.89 5.34
N SER D 181 10.27 37.02 6.32
CA SER D 181 9.24 36.58 7.25
C SER D 181 9.91 36.08 8.52
N THR D 182 9.61 36.71 9.63
CA THR D 182 10.13 36.30 10.93
C THR D 182 8.91 36.00 11.81
N LEU D 183 8.88 34.82 12.43
CA LEU D 183 7.79 34.36 13.31
C LEU D 183 6.43 34.54 12.68
N CYS D 184 5.98 33.54 11.91
CA CYS D 184 4.67 33.60 11.27
C CYS D 184 4.25 32.17 10.92
N LEU D 185 4.99 31.48 10.05
CA LEU D 185 4.71 30.16 9.53
C LEU D 185 4.48 29.05 10.56
N ASP D 186 5.21 29.06 11.68
CA ASP D 186 5.03 28.04 12.72
C ASP D 186 3.67 28.17 13.39
N ALA D 187 3.15 29.40 13.54
CA ALA D 187 1.85 29.64 14.17
C ALA D 187 0.68 29.67 13.14
N ALA D 188 0.98 29.80 11.85
CA ALA D 188 -0.01 29.88 10.80
C ALA D 188 -0.25 28.54 10.10
N CYS D 189 0.76 27.65 10.10
CA CYS D 189 0.66 26.33 9.44
C CYS D 189 0.48 25.21 10.47
N PRO D 190 -0.64 24.46 10.45
CA PRO D 190 -0.83 23.40 11.46
C PRO D 190 -0.10 22.09 11.17
N ASP D 191 0.49 21.94 9.98
CA ASP D 191 1.25 20.72 9.67
C ASP D 191 2.38 20.99 8.64
N LEU D 192 3.25 19.98 8.40
CA LEU D 192 4.35 20.16 7.47
C LEU D 192 3.87 20.43 6.05
N PRO D 193 2.82 19.75 5.50
CA PRO D 193 2.36 20.10 4.15
C PRO D 193 1.85 21.54 4.01
N THR D 194 1.18 22.10 5.06
CA THR D 194 0.74 23.51 5.00
C THR D 194 1.94 24.42 4.93
N TYR D 195 2.99 24.12 5.72
CA TYR D 195 4.23 24.88 5.77
C TYR D 195 4.88 24.94 4.40
N CYS D 196 4.86 23.82 3.68
CA CYS D 196 5.40 23.73 2.34
C CYS D 196 4.54 24.54 1.38
N ARG D 197 3.20 24.46 1.53
CA ARG D 197 2.26 25.22 0.70
C ARG D 197 2.50 26.69 0.89
N ALA D 198 2.75 27.14 2.15
CA ALA D 198 3.03 28.54 2.51
C ALA D 198 4.24 29.09 1.78
N LEU D 199 5.32 28.32 1.73
CA LEU D 199 6.57 28.72 1.07
C LEU D 199 6.36 28.82 -0.47
N ARG D 200 5.46 27.98 -1.04
CA ARG D 200 5.12 28.05 -2.47
C ARG D 200 4.42 29.38 -2.76
N ASN D 201 3.41 29.74 -1.92
CA ASN D 201 2.62 30.98 -1.97
C ASN D 201 3.44 32.24 -1.73
N LEU D 202 4.59 32.11 -1.02
CA LEU D 202 5.58 33.17 -0.73
C LEU D 202 6.52 33.35 -1.92
N GLY D 203 6.80 32.26 -2.64
CA GLY D 203 7.58 32.27 -3.86
C GLY D 203 6.83 32.97 -4.98
N SER D 204 5.48 33.00 -4.89
CA SER D 204 4.53 33.68 -5.79
C SER D 204 4.93 35.16 -5.89
N LEU D 205 5.20 35.80 -4.76
CA LEU D 205 5.56 37.22 -4.73
C LEU D 205 7.06 37.50 -4.92
N LEU D 206 7.86 36.47 -5.29
CA LEU D 206 9.32 36.56 -5.45
C LEU D 206 9.80 36.48 -6.90
N LYS D 207 10.65 37.43 -7.32
CA LYS D 207 11.30 37.50 -8.63
C LYS D 207 12.12 36.24 -8.84
N PRO D 208 12.21 35.68 -10.08
CA PRO D 208 13.07 34.47 -10.28
C PRO D 208 14.49 34.71 -9.78
N GLY D 209 14.93 33.89 -8.84
CA GLY D 209 16.24 34.07 -8.22
C GLY D 209 16.27 35.13 -7.13
N GLY D 210 15.16 35.26 -6.41
CA GLY D 210 15.02 36.17 -5.29
C GLY D 210 15.28 35.46 -3.97
N PHE D 211 15.61 36.24 -2.92
CA PHE D 211 15.92 35.73 -1.59
C PHE D 211 14.69 35.50 -0.70
N LEU D 212 14.76 34.49 0.17
CA LEU D 212 13.68 34.14 1.09
C LEU D 212 14.31 34.07 2.46
N VAL D 213 13.88 34.90 3.40
CA VAL D 213 14.46 34.90 4.74
C VAL D 213 13.41 34.51 5.73
N ILE D 214 13.61 33.40 6.42
CA ILE D 214 12.68 32.82 7.38
C ILE D 214 13.38 32.71 8.73
N MET D 215 12.72 33.14 9.78
CA MET D 215 13.27 33.14 11.14
C MET D 215 12.16 32.74 12.09
N ASP D 216 12.01 31.45 12.36
CA ASP D 216 10.95 30.96 13.23
C ASP D 216 11.48 30.05 14.36
N ALA D 217 10.57 29.51 15.20
CA ALA D 217 10.89 28.64 16.31
C ALA D 217 11.20 27.21 15.87
N LEU D 218 11.98 26.51 16.65
CA LEU D 218 12.29 25.12 16.40
C LEU D 218 11.73 24.28 17.54
N LYS D 219 11.01 23.18 17.22
CA LYS D 219 10.39 22.21 18.14
C LYS D 219 9.42 22.82 19.15
N SER D 220 8.67 23.85 18.74
CA SER D 220 7.72 24.51 19.63
C SER D 220 6.27 24.10 19.31
N SER D 221 5.51 23.58 20.31
CA SER D 221 4.09 23.17 20.20
C SER D 221 3.15 24.32 20.61
N TYR D 222 3.60 25.19 21.52
CA TYR D 222 2.83 26.31 22.02
C TYR D 222 3.71 27.56 22.28
N TYR D 223 3.04 28.70 22.49
CA TYR D 223 3.59 29.96 22.94
C TYR D 223 2.48 30.74 23.67
N MET D 224 2.81 31.33 24.80
CA MET D 224 1.86 32.03 25.64
C MET D 224 1.83 33.51 25.47
N ILE D 225 0.61 34.06 25.38
CA ILE D 225 0.38 35.50 25.46
C ILE D 225 -0.37 35.59 26.78
N GLY D 226 0.35 35.91 27.83
CA GLY D 226 -0.16 35.99 29.19
C GLY D 226 -0.78 34.70 29.69
N GLU D 227 -2.10 34.63 29.56
CA GLU D 227 -2.89 33.48 29.98
C GLU D 227 -3.33 32.62 28.76
N GLN D 228 -3.52 33.25 27.60
CA GLN D 228 -3.97 32.59 26.38
C GLN D 228 -2.83 31.76 25.83
N LYS D 229 -3.10 30.47 25.50
CA LYS D 229 -2.09 29.58 24.93
C LYS D 229 -2.34 29.47 23.45
N PHE D 230 -1.29 29.77 22.65
CA PHE D 230 -1.41 29.71 21.20
C PHE D 230 -0.64 28.54 20.64
N SER D 231 -1.22 27.86 19.66
CA SER D 231 -0.58 26.73 19.02
C SER D 231 0.57 27.16 18.13
N SER D 232 1.46 26.21 17.83
CA SER D 232 2.62 26.35 16.99
C SER D 232 2.99 24.96 16.48
N LEU D 233 3.71 24.89 15.36
CA LEU D 233 4.11 23.63 14.77
C LEU D 233 5.51 23.28 15.27
N PRO D 234 5.64 22.12 15.94
CA PRO D 234 6.94 21.71 16.45
C PRO D 234 7.81 21.07 15.38
N LEU D 235 8.32 21.89 14.46
CA LEU D 235 9.22 21.50 13.37
C LEU D 235 10.66 21.29 13.86
N GLY D 236 11.45 20.55 13.09
CA GLY D 236 12.87 20.36 13.33
C GLY D 236 13.67 20.90 12.15
N ARG D 237 15.02 21.01 12.29
CA ARG D 237 15.87 21.51 11.20
C ARG D 237 15.75 20.72 9.89
N GLU D 238 15.50 19.39 9.96
CA GLU D 238 15.35 18.58 8.76
C GLU D 238 13.95 18.74 8.12
N ALA D 239 12.93 19.07 8.94
CA ALA D 239 11.59 19.30 8.43
C ALA D 239 11.57 20.62 7.67
N VAL D 240 12.19 21.66 8.25
CA VAL D 240 12.29 22.96 7.62
C VAL D 240 13.10 22.83 6.33
N GLU D 241 14.26 22.13 6.35
CA GLU D 241 15.07 21.97 5.14
C GLU D 241 14.34 21.30 4.00
N ALA D 242 13.43 20.36 4.31
CA ALA D 242 12.64 19.61 3.32
C ALA D 242 11.50 20.46 2.77
N ALA D 243 10.84 21.24 3.64
CA ALA D 243 9.74 22.11 3.24
C ALA D 243 10.24 23.21 2.30
N VAL D 244 11.41 23.78 2.59
CA VAL D 244 11.99 24.81 1.78
C VAL D 244 12.38 24.25 0.44
N LYS D 245 13.28 23.24 0.38
CA LYS D 245 13.66 22.59 -0.89
C LYS D 245 12.44 22.29 -1.83
N GLU D 246 11.42 21.60 -1.30
CA GLU D 246 10.21 21.20 -2.00
C GLU D 246 9.52 22.34 -2.72
N ALA D 247 9.33 23.50 -2.04
CA ALA D 247 8.64 24.66 -2.63
C ALA D 247 9.43 25.41 -3.69
N GLY D 248 10.48 24.79 -4.23
CA GLY D 248 11.32 25.39 -5.25
C GLY D 248 12.34 26.39 -4.77
N TYR D 249 13.18 26.00 -3.80
CA TYR D 249 14.25 26.89 -3.30
C TYR D 249 15.55 26.12 -3.07
N THR D 250 16.70 26.85 -3.19
CA THR D 250 18.06 26.35 -2.94
C THR D 250 18.59 27.08 -1.68
N ILE D 251 18.93 26.34 -0.61
CA ILE D 251 19.35 26.91 0.68
C ILE D 251 20.78 27.44 0.65
N GLU D 252 20.96 28.77 0.81
CA GLU D 252 22.26 29.45 0.78
C GLU D 252 22.99 29.45 2.12
N TRP D 253 22.26 29.30 3.23
CA TRP D 253 22.78 29.14 4.59
C TRP D 253 21.65 28.97 5.57
N PHE D 254 21.89 28.08 6.53
CA PHE D 254 20.91 27.75 7.52
C PHE D 254 21.61 27.77 8.85
N GLU D 255 21.11 28.53 9.80
CA GLU D 255 21.64 28.61 11.14
C GLU D 255 20.58 28.19 12.17
N VAL D 256 21.03 27.60 13.29
CA VAL D 256 20.19 27.16 14.42
C VAL D 256 20.82 27.72 15.71
N ILE D 257 20.01 28.13 16.69
CA ILE D 257 20.51 28.62 17.97
C ILE D 257 19.84 27.79 19.07
N SER D 258 20.54 27.51 20.19
CA SER D 258 19.94 26.72 21.25
C SER D 258 19.15 27.54 22.26
N GLN D 259 18.98 28.86 22.04
CA GLN D 259 18.21 29.66 22.98
C GLN D 259 16.71 29.51 22.82
N SER D 260 16.08 28.94 23.86
CA SER D 260 14.63 28.81 23.98
C SER D 260 14.09 30.07 24.62
N TYR D 261 12.80 30.37 24.43
CA TYR D 261 12.12 31.47 25.13
C TYR D 261 12.03 31.06 26.64
N SER D 262 11.33 31.84 27.47
CA SER D 262 11.19 31.50 28.90
C SER D 262 10.41 30.19 29.14
N SER D 263 10.37 29.70 30.38
CA SER D 263 9.64 28.46 30.69
C SER D 263 8.13 28.66 30.56
N THR D 264 7.63 29.86 30.92
CA THR D 264 6.19 30.17 30.88
C THR D 264 5.75 30.90 29.62
N MET D 265 6.59 30.90 28.55
CA MET D 265 6.23 31.63 27.34
C MET D 265 6.31 30.81 26.05
N ALA D 266 7.00 29.66 26.02
CA ALA D 266 7.11 28.78 24.84
C ALA D 266 7.95 27.56 25.15
N ASN D 267 7.71 26.46 24.43
CA ASN D 267 8.46 25.23 24.65
C ASN D 267 9.49 24.90 23.56
N ASN D 268 9.87 25.90 22.74
CA ASN D 268 10.85 25.73 21.67
C ASN D 268 12.18 25.21 22.19
N GLU D 269 13.00 24.67 21.32
CA GLU D 269 14.35 24.25 21.68
C GLU D 269 15.45 25.23 21.16
N GLY D 270 15.06 26.08 20.24
CA GLY D 270 15.87 27.13 19.67
C GLY D 270 15.08 27.88 18.63
N LEU D 271 15.79 28.52 17.74
CA LEU D 271 15.21 29.29 16.64
C LEU D 271 16.07 29.03 15.44
N PHE D 272 15.46 29.03 14.25
CA PHE D 272 16.23 28.85 13.03
C PHE D 272 16.26 30.13 12.21
N SER D 273 17.26 30.25 11.34
CA SER D 273 17.43 31.38 10.44
C SER D 273 17.90 30.81 9.14
N LEU D 274 17.42 31.35 8.02
CA LEU D 274 17.84 30.86 6.72
C LEU D 274 17.71 31.86 5.62
N VAL D 275 18.53 31.67 4.59
CA VAL D 275 18.46 32.45 3.39
C VAL D 275 18.44 31.43 2.30
N ALA D 276 17.31 31.35 1.59
CA ALA D 276 17.12 30.45 0.45
C ALA D 276 16.94 31.29 -0.80
N ARG D 277 17.34 30.77 -1.94
CA ARG D 277 17.21 31.44 -3.23
C ARG D 277 16.10 30.75 -4.06
N LYS D 278 15.23 31.52 -4.75
CA LYS D 278 14.13 30.93 -5.54
C LYS D 278 14.59 30.29 -6.87
N LEU D 279 14.19 29.04 -7.14
CA LEU D 279 14.61 28.37 -8.37
C LEU D 279 13.76 28.73 -9.59
C1 U7K E . 16.88 -0.14 4.51
C2 U7K E . 16.36 -0.80 3.41
C3 U7K E . 15.43 -1.82 3.58
C8 U7K E . 15.68 -1.47 8.37
C9 U7K E . 16.13 -0.02 8.25
C10 U7K E . 17.00 0.24 7.03
C12 U7K E . 14.05 -2.92 7.00
C13 U7K E . 13.20 -3.63 9.24
C14 U7K E . 11.86 -3.19 9.88
C15 U7K E . 11.85 -3.71 11.33
C19 U7K E . 13.45 -0.92 15.71
C20 U7K E . 14.01 -1.37 16.93
C22 U7K E . 12.97 0.37 15.61
C24 U7K E . 14.54 -2.68 17.14
C27 U7K E . 13.09 1.26 16.67
C30 U7K E . 15.09 -2.99 18.34
C31 U7K E . 13.77 -2.29 12.22
C32 U7K E . 12.67 -3.92 13.63
C4 U7K E . 15.00 -2.16 4.87
C5 U7K E . 15.50 -1.46 5.96
C6 U7K E . 16.44 -0.44 5.80
N7 U7K E . 14.94 -1.90 7.18
S11 U7K E . 13.80 -3.32 5.29
O16 U7K E . 11.76 -1.78 9.77
C17 U7K E . 10.70 -3.75 9.09
O18 U7K E . 11.03 -4.57 11.57
N21 U7K E . 13.40 -1.82 14.60
C23 U7K E . 14.10 -0.46 18.02
C25 U7K E . 13.51 -1.22 13.27
C26 U7K E . 12.37 -2.86 14.66
C28 U7K E . 13.63 0.86 17.85
C29 U7K E . 14.67 -0.93 19.21
N33 U7K E . 15.17 -2.14 19.38
N34 U7K E . 12.73 -3.32 12.29
N35 U7K E . 13.27 -3.64 7.77
C1 U7K F . -18.53 0.67 -10.29
C2 U7K F . -18.58 1.53 -11.38
C3 U7K F . -17.59 2.49 -11.56
C8 U7K F . -15.23 0.97 -7.69
C9 U7K F . -16.52 0.47 -7.08
C10 U7K F . -17.47 -0.10 -8.12
C12 U7K F . -14.70 3.11 -9.07
C13 U7K F . -12.83 3.48 -7.38
C14 U7K F . -11.62 2.54 -7.41
C15 U7K F . -10.79 2.73 -6.13
C19 U7K F . -10.31 -1.27 -2.54
C20 U7K F . -10.23 -1.39 -1.11
C22 U7K F . -10.12 -2.40 -3.33
C24 U7K F . -10.45 -0.32 -0.20
C27 U7K F . -9.83 -3.62 -2.77
C30 U7K F . -10.26 -0.53 1.13
C31 U7K F . -12.20 1.21 -4.65
C32 U7K F . -10.24 2.30 -3.77
C4 U7K F . -16.57 2.62 -10.61
C5 U7K F . -16.55 1.78 -9.51
C6 U7K F . -17.52 0.77 -9.35
N7 U7K F . -15.49 2.08 -8.63
S11 U7K F . -15.26 3.75 -10.61
O16 U7K F . -12.07 1.18 -7.49
C17 U7K F . -10.79 2.81 -8.65
O18 U7K F . -9.82 3.46 -6.22
N21 U7K F . -10.72 -0.04 -3.11
C23 U7K F . -9.86 -2.65 -0.56
C25 U7K F . -11.65 -0.15 -4.25
C26 U7K F . -9.65 0.94 -3.35
C28 U7K F . -9.69 -3.76 -1.42
C29 U7K F . -9.76 -2.73 0.85
N33 U7K F . -9.94 -1.71 1.67
N34 U7K F . -11.08 2.13 -4.95
N35 U7K F . -13.57 3.69 -8.66
C1 U7K G . -5.12 -31.61 -12.18
C2 U7K G . -5.09 -32.56 -11.17
C3 U7K G . -4.97 -33.91 -11.48
C8 U7K G . -4.73 -32.96 -16.20
C9 U7K G . -5.57 -31.72 -15.90
C10 U7K G . -5.10 -31.00 -14.65
C12 U7K G . -4.60 -35.29 -15.04
C13 U7K G . -4.45 -36.23 -17.39
C14 U7K G . -3.05 -36.13 -18.00
C15 U7K G . -3.14 -36.34 -19.52
C19 U7K G . -2.27 -32.39 -23.19
C20 U7K G . -2.90 -32.08 -24.44
C22 U7K G . -0.99 -31.95 -22.95
C24 U7K G . -4.20 -32.52 -24.81
C27 U7K G . -0.32 -31.15 -23.85
C30 U7K G . -4.70 -32.17 -26.02
C31 U7K G . -3.77 -33.95 -20.11
C32 U7K G . -3.51 -35.65 -21.84
C4 U7K G . -4.85 -34.31 -12.80
C5 U7K G . -4.84 -33.35 -13.81
C6 U7K G . -4.97 -31.98 -13.51
N7 U7K G . -4.73 -33.93 -15.09
S11 U7K G . -4.61 -35.93 -13.40
O16 U7K G . -2.52 -34.85 -17.65
C17 U7K G . -2.13 -37.18 -17.37
O18 U7K G . -2.94 -37.48 -19.89
N21 U7K G . -2.91 -33.32 -22.34
C23 U7K G . -2.19 -31.28 -25.37
C25 U7K G . -2.86 -33.01 -20.91
C26 U7K G . -2.58 -34.72 -22.60
C28 U7K G . -0.91 -30.80 -25.03
C29 U7K G . -2.83 -30.98 -26.60
N33 U7K G . -4.07 -31.37 -26.89
N34 U7K G . -3.42 -35.35 -20.40
N35 U7K G . -4.47 -36.27 -15.91
C1 U7K H . 6.88 30.22 19.16
C2 U7K H . 7.41 30.92 20.25
C3 U7K H . 7.21 32.29 20.35
C8 U7K H . 5.47 32.60 16.01
C9 U7K H . 5.24 31.12 15.83
C10 U7K H . 5.58 30.16 16.99
C12 U7K H . 5.21 34.37 17.83
C13 U7K H . 3.91 35.72 16.18
C14 U7K H . 2.40 35.90 16.40
C15 U7K H . 1.73 36.72 15.29
C19 U7K H . -0.64 34.29 11.09
C20 U7K H . -0.68 34.56 9.69
C22 U7K H . -1.64 33.57 11.68
C24 U7K H . 0.27 35.34 9.01
C27 U7K H . -2.65 33.00 10.92
C30 U7K H . 0.13 35.53 7.66
C31 U7K H . 2.16 35.00 13.47
C32 U7K H . 0.93 37.06 13.00
C4 U7K H . 6.50 32.97 19.36
C5 U7K H . 5.93 32.26 18.31
C6 U7K H . 6.12 30.88 18.19
N7 U7K H . 5.26 33.08 17.39
S11 U7K H . 6.15 34.67 19.28
O16 U7K H . 1.82 34.61 16.35
C17 U7K H . 2.12 36.50 17.77
O18 U7K H . 1.21 37.79 15.61
N21 U7K H . 0.29 34.99 11.87
C23 U7K H . -1.74 33.99 8.93
C25 U7K H . 1.02 34.19 12.86
C26 U7K H . -0.21 36.25 12.43
C28 U7K H . -2.71 33.22 9.58
C29 U7K H . -1.76 34.27 7.54
N33 U7K H . -0.86 35.01 6.92
N34 U7K H . 1.64 36.27 14.01
N35 U7K H . 4.71 35.49 17.40
#